data_9CSR
# 
_entry.id   9CSR 
# 
_audit_conform.dict_name       mmcif_pdbx.dic 
_audit_conform.dict_version    5.403 
_audit_conform.dict_location   http://mmcif.pdb.org/dictionaries/ascii/mmcif_pdbx.dic 
# 
loop_
_database_2.database_id 
_database_2.database_code 
_database_2.pdbx_database_accession 
_database_2.pdbx_DOI 
PDB   9CSR         pdb_00009csr 10.2210/pdb9csr/pdb 
WWPDB D_1000285481 ?            ?                   
# 
loop_
_pdbx_audit_revision_history.ordinal 
_pdbx_audit_revision_history.data_content_type 
_pdbx_audit_revision_history.major_revision 
_pdbx_audit_revision_history.minor_revision 
_pdbx_audit_revision_history.revision_date 
_pdbx_audit_revision_history.part_number 
1 'Structure model' 1 0 2025-05-14 ? 
2 'Structure model' 1 1 2025-05-28 ? 
# 
_pdbx_audit_revision_details.ordinal             1 
_pdbx_audit_revision_details.revision_ordinal    1 
_pdbx_audit_revision_details.data_content_type   'Structure model' 
_pdbx_audit_revision_details.provider            repository 
_pdbx_audit_revision_details.type                'Initial release' 
_pdbx_audit_revision_details.description         ? 
_pdbx_audit_revision_details.details             ? 
# 
_pdbx_audit_revision_group.ordinal             1 
_pdbx_audit_revision_group.revision_ordinal    2 
_pdbx_audit_revision_group.data_content_type   'Structure model' 
_pdbx_audit_revision_group.group               'Database references' 
# 
loop_
_pdbx_audit_revision_category.ordinal 
_pdbx_audit_revision_category.revision_ordinal 
_pdbx_audit_revision_category.data_content_type 
_pdbx_audit_revision_category.category 
1 2 'Structure model' citation        
2 2 'Structure model' citation_author 
# 
loop_
_pdbx_audit_revision_item.ordinal 
_pdbx_audit_revision_item.revision_ordinal 
_pdbx_audit_revision_item.data_content_type 
_pdbx_audit_revision_item.item 
1  2 'Structure model' '_citation.country'                 
2  2 'Structure model' '_citation.journal_abbrev'          
3  2 'Structure model' '_citation.journal_id_ASTM'         
4  2 'Structure model' '_citation.journal_id_CSD'          
5  2 'Structure model' '_citation.journal_id_ISSN'         
6  2 'Structure model' '_citation.journal_volume'          
7  2 'Structure model' '_citation.page_first'              
8  2 'Structure model' '_citation.page_last'               
9  2 'Structure model' '_citation.pdbx_database_id_DOI'    
10 2 'Structure model' '_citation.pdbx_database_id_PubMed' 
11 2 'Structure model' '_citation.title'                   
12 2 'Structure model' '_citation.year'                    
# 
_pdbx_database_status.status_code                     REL 
_pdbx_database_status.status_code_sf                  REL 
_pdbx_database_status.status_code_mr                  ? 
_pdbx_database_status.entry_id                        9CSR 
_pdbx_database_status.recvd_initial_deposition_date   2024-07-24 
_pdbx_database_status.SG_entry                        N 
_pdbx_database_status.deposit_site                    RCSB 
_pdbx_database_status.process_site                    RCSB 
_pdbx_database_status.status_code_cs                  ? 
_pdbx_database_status.status_code_nmr_data            ? 
_pdbx_database_status.methods_development_category    ? 
_pdbx_database_status.pdb_format_compatible           Y 
# 
_pdbx_contact_author.id                 2 
_pdbx_contact_author.email              jwszostak@uchicago.edu 
_pdbx_contact_author.name_first         Jack 
_pdbx_contact_author.name_last          Szostak 
_pdbx_contact_author.name_mi            W. 
_pdbx_contact_author.role               'principal investigator/group leader' 
_pdbx_contact_author.identifier_ORCID   0000-0003-4131-1203 
# 
loop_
_audit_author.name 
_audit_author.pdbx_ordinal 
_audit_author.identifier_ORCID 
'Fang, Z.'      1 0000-0001-8679-6633 
'Jia, X.'       2 0000-0001-9094-9882 
'Szostak, J.W.' 3 0000-0003-4131-1203 
# 
_citation.abstract                  ? 
_citation.abstract_id_CAS           ? 
_citation.book_id_ISBN              ? 
_citation.book_publisher            ? 
_citation.book_publisher_city       ? 
_citation.book_title                ? 
_citation.coordinate_linkage        ? 
_citation.country                   US 
_citation.database_id_Medline       ? 
_citation.details                   ? 
_citation.id                        primary 
_citation.journal_abbrev            Proc.Natl.Acad.Sci.USA 
_citation.journal_id_ASTM           PNASA6 
_citation.journal_id_CSD            0040 
_citation.journal_id_ISSN           1091-6490 
_citation.journal_full              ? 
_citation.journal_issue             ? 
_citation.journal_volume            122 
_citation.language                  ? 
_citation.page_first                e2505720122 
_citation.page_last                 e2505720122 
_citation.title                     'Nonenzymatic RNA copying with a potentially primordial genetic alphabet.' 
_citation.year                      2025 
_citation.database_id_CSD           ? 
_citation.pdbx_database_id_DOI      10.1073/pnas.2505720122 
_citation.pdbx_database_id_PubMed   40397670 
_citation.pdbx_database_id_patent   ? 
_citation.unpublished_flag          ? 
# 
loop_
_citation_author.citation_id 
_citation_author.name 
_citation_author.ordinal 
_citation_author.identifier_ORCID 
primary 'Fang, Z.'      1 0000-0001-8679-6633 
primary 'Jia, X.'       2 0000-0001-9094-9882 
primary 'Xing, Y.'      3 0000-0002-4549-8370 
primary 'Szostak, J.W.' 4 0000-0003-4131-1203 
# 
loop_
_entity.id 
_entity.type 
_entity.src_method 
_entity.pdbx_description 
_entity.formula_weight 
_entity.pdbx_number_of_molecules 
_entity.pdbx_ec 
_entity.pdbx_mutation 
_entity.pdbx_fragment 
_entity.details 
1 polymer syn 'RNA strand with s(2)C:I pair sequence 2' 5084.113 1  ? ? ? ? 
2 water   nat water                                     18.015   84 ? ? ? ? 
# 
_entity_poly.entity_id                      1 
_entity_poly.type                           polyribonucleotide 
_entity_poly.nstd_linkage                   no 
_entity_poly.nstd_monomer                   yes 
_entity_poly.pdbx_seq_one_letter_code       'AGAGAAIAU(RSP)UUCUCU' 
_entity_poly.pdbx_seq_one_letter_code_can   AGAGAAIAUCUUCUCU 
_entity_poly.pdbx_strand_id                 A 
_entity_poly.pdbx_target_identifier         ? 
# 
_pdbx_entity_nonpoly.entity_id   2 
_pdbx_entity_nonpoly.name        water 
_pdbx_entity_nonpoly.comp_id     HOH 
# 
loop_
_entity_poly_seq.entity_id 
_entity_poly_seq.num 
_entity_poly_seq.mon_id 
_entity_poly_seq.hetero 
1 1  A   n 
1 2  G   n 
1 3  A   n 
1 4  G   n 
1 5  A   n 
1 6  A   n 
1 7  I   n 
1 8  A   n 
1 9  U   n 
1 10 RSP n 
1 11 U   n 
1 12 U   n 
1 13 C   n 
1 14 U   n 
1 15 C   n 
1 16 U   n 
# 
_pdbx_entity_src_syn.entity_id              1 
_pdbx_entity_src_syn.pdbx_src_id            1 
_pdbx_entity_src_syn.pdbx_alt_source_flag   sample 
_pdbx_entity_src_syn.pdbx_beg_seq_num       1 
_pdbx_entity_src_syn.pdbx_end_seq_num       16 
_pdbx_entity_src_syn.organism_scientific    'synthetic construct' 
_pdbx_entity_src_syn.organism_common_name   ? 
_pdbx_entity_src_syn.ncbi_taxonomy_id       32630 
_pdbx_entity_src_syn.details                ? 
# 
loop_
_chem_comp.id 
_chem_comp.type 
_chem_comp.mon_nstd_flag 
_chem_comp.name 
_chem_comp.pdbx_synonyms 
_chem_comp.formula 
_chem_comp.formula_weight 
A   'RNA linking' y "ADENOSINE-5'-MONOPHOSPHATE"                                            ? 'C10 H14 N5 O7 P'  347.221 
C   'RNA linking' y "CYTIDINE-5'-MONOPHOSPHATE"                                             ? 'C9 H14 N3 O8 P'   323.197 
G   'RNA linking' y "GUANOSINE-5'-MONOPHOSPHATE"                                            ? 'C10 H14 N5 O8 P'  363.221 
HOH non-polymer   . WATER                                                                   ? 'H2 O'             18.015  
I   'RNA linking' y 'INOSINIC ACID'                                                         ? 'C10 H13 N4 O8 P'  348.206 
RSP 'RNA linking' n '4-amino-1-(5-O-phosphono-beta-D-ribofuranosyl)pyrimidine-2(1H)-thione' ? 'C9 H14 N3 O7 P S' 339.262 
U   'RNA linking' y "URIDINE-5'-MONOPHOSPHATE"                                              ? 'C9 H13 N2 O9 P'   324.181 
# 
loop_
_pdbx_poly_seq_scheme.asym_id 
_pdbx_poly_seq_scheme.entity_id 
_pdbx_poly_seq_scheme.seq_id 
_pdbx_poly_seq_scheme.mon_id 
_pdbx_poly_seq_scheme.ndb_seq_num 
_pdbx_poly_seq_scheme.pdb_seq_num 
_pdbx_poly_seq_scheme.auth_seq_num 
_pdbx_poly_seq_scheme.pdb_mon_id 
_pdbx_poly_seq_scheme.auth_mon_id 
_pdbx_poly_seq_scheme.pdb_strand_id 
_pdbx_poly_seq_scheme.pdb_ins_code 
_pdbx_poly_seq_scheme.hetero 
A 1 1  A   1  1  1  A   A   A . n 
A 1 2  G   2  2  2  G   G   A . n 
A 1 3  A   3  3  3  A   A   A . n 
A 1 4  G   4  4  4  G   G   A . n 
A 1 5  A   5  5  5  A   A   A . n 
A 1 6  A   6  6  6  A   A   A . n 
A 1 7  I   7  7  7  I   I   A . n 
A 1 8  A   8  8  8  A   A   A . n 
A 1 9  U   9  9  9  U   U   A . n 
A 1 10 RSP 10 10 10 RSP RSP A . n 
A 1 11 U   11 11 11 U   U   A . n 
A 1 12 U   12 12 12 U   U   A . n 
A 1 13 C   13 13 13 C   C   A . n 
A 1 14 U   14 14 14 U   U   A . n 
A 1 15 C   15 15 15 C   C   A . n 
A 1 16 U   16 16 16 U   U   A . n 
# 
_pdbx_entity_instance_feature.ordinal        1 
_pdbx_entity_instance_feature.comp_id        RSP 
_pdbx_entity_instance_feature.asym_id        ? 
_pdbx_entity_instance_feature.seq_num        ? 
_pdbx_entity_instance_feature.auth_comp_id   RSP 
_pdbx_entity_instance_feature.auth_asym_id   ? 
_pdbx_entity_instance_feature.auth_seq_num   ? 
_pdbx_entity_instance_feature.feature_type   'SUBJECT OF INVESTIGATION' 
_pdbx_entity_instance_feature.details        ? 
# 
loop_
_pdbx_nonpoly_scheme.asym_id 
_pdbx_nonpoly_scheme.entity_id 
_pdbx_nonpoly_scheme.mon_id 
_pdbx_nonpoly_scheme.ndb_seq_num 
_pdbx_nonpoly_scheme.pdb_seq_num 
_pdbx_nonpoly_scheme.auth_seq_num 
_pdbx_nonpoly_scheme.pdb_mon_id 
_pdbx_nonpoly_scheme.auth_mon_id 
_pdbx_nonpoly_scheme.pdb_strand_id 
_pdbx_nonpoly_scheme.pdb_ins_code 
B 2 HOH 1  101 76 HOH HOH A . 
B 2 HOH 2  102 69 HOH HOH A . 
B 2 HOH 3  103 64 HOH HOH A . 
B 2 HOH 4  104 83 HOH HOH A . 
B 2 HOH 5  105 2  HOH HOH A . 
B 2 HOH 6  106 34 HOH HOH A . 
B 2 HOH 7  107 21 HOH HOH A . 
B 2 HOH 8  108 63 HOH HOH A . 
B 2 HOH 9  109 12 HOH HOH A . 
B 2 HOH 10 110 65 HOH HOH A . 
B 2 HOH 11 111 70 HOH HOH A . 
B 2 HOH 12 112 31 HOH HOH A . 
B 2 HOH 13 113 58 HOH HOH A . 
B 2 HOH 14 114 10 HOH HOH A . 
B 2 HOH 15 115 11 HOH HOH A . 
B 2 HOH 16 116 13 HOH HOH A . 
B 2 HOH 17 117 33 HOH HOH A . 
B 2 HOH 18 118 48 HOH HOH A . 
B 2 HOH 19 119 56 HOH HOH A . 
B 2 HOH 20 120 8  HOH HOH A . 
B 2 HOH 21 121 72 HOH HOH A . 
B 2 HOH 22 122 28 HOH HOH A . 
B 2 HOH 23 123 81 HOH HOH A . 
B 2 HOH 24 124 38 HOH HOH A . 
B 2 HOH 25 125 50 HOH HOH A . 
B 2 HOH 26 126 45 HOH HOH A . 
B 2 HOH 27 127 27 HOH HOH A . 
B 2 HOH 28 128 24 HOH HOH A . 
B 2 HOH 29 129 54 HOH HOH A . 
B 2 HOH 30 130 49 HOH HOH A . 
B 2 HOH 31 131 17 HOH HOH A . 
B 2 HOH 32 132 82 HOH HOH A . 
B 2 HOH 33 133 80 HOH HOH A . 
B 2 HOH 34 134 30 HOH HOH A . 
B 2 HOH 35 135 26 HOH HOH A . 
B 2 HOH 36 136 57 HOH HOH A . 
B 2 HOH 37 137 62 HOH HOH A . 
B 2 HOH 38 138 44 HOH HOH A . 
B 2 HOH 39 139 15 HOH HOH A . 
B 2 HOH 40 140 74 HOH HOH A . 
B 2 HOH 41 141 20 HOH HOH A . 
B 2 HOH 42 142 5  HOH HOH A . 
B 2 HOH 43 143 22 HOH HOH A . 
B 2 HOH 44 144 19 HOH HOH A . 
B 2 HOH 45 145 67 HOH HOH A . 
B 2 HOH 46 146 66 HOH HOH A . 
B 2 HOH 47 147 42 HOH HOH A . 
B 2 HOH 48 148 36 HOH HOH A . 
B 2 HOH 49 149 6  HOH HOH A . 
B 2 HOH 50 150 39 HOH HOH A . 
B 2 HOH 51 151 47 HOH HOH A . 
B 2 HOH 52 152 32 HOH HOH A . 
B 2 HOH 53 153 4  HOH HOH A . 
B 2 HOH 54 154 52 HOH HOH A . 
B 2 HOH 55 155 37 HOH HOH A . 
B 2 HOH 56 156 51 HOH HOH A . 
B 2 HOH 57 157 43 HOH HOH A . 
B 2 HOH 58 158 53 HOH HOH A . 
B 2 HOH 59 159 78 HOH HOH A . 
B 2 HOH 60 160 3  HOH HOH A . 
B 2 HOH 61 161 9  HOH HOH A . 
B 2 HOH 62 162 40 HOH HOH A . 
B 2 HOH 63 163 35 HOH HOH A . 
B 2 HOH 64 164 68 HOH HOH A . 
B 2 HOH 65 165 1  HOH HOH A . 
B 2 HOH 66 166 18 HOH HOH A . 
B 2 HOH 67 167 25 HOH HOH A . 
B 2 HOH 68 168 84 HOH HOH A . 
B 2 HOH 69 169 73 HOH HOH A . 
B 2 HOH 70 170 16 HOH HOH A . 
B 2 HOH 71 171 7  HOH HOH A . 
B 2 HOH 72 172 77 HOH HOH A . 
B 2 HOH 73 173 23 HOH HOH A . 
B 2 HOH 74 174 14 HOH HOH A . 
B 2 HOH 75 175 75 HOH HOH A . 
B 2 HOH 76 176 41 HOH HOH A . 
B 2 HOH 77 177 29 HOH HOH A . 
B 2 HOH 78 178 71 HOH HOH A . 
B 2 HOH 79 179 79 HOH HOH A . 
B 2 HOH 80 180 55 HOH HOH A . 
B 2 HOH 81 181 46 HOH HOH A . 
B 2 HOH 82 182 60 HOH HOH A . 
B 2 HOH 83 183 59 HOH HOH A . 
B 2 HOH 84 184 61 HOH HOH A . 
# 
loop_
_software.citation_id 
_software.classification 
_software.compiler_name 
_software.compiler_version 
_software.contact_author 
_software.contact_author_email 
_software.date 
_software.description 
_software.dependencies 
_software.hardware 
_software.language 
_software.location 
_software.mods 
_software.name 
_software.os 
_software.os_version 
_software.type 
_software.version 
_software.pdbx_ordinal 
? refinement       ? ? ? ? ? ? ? ? ? ? ? REFMAC   ? ? ? 5.8.0425 1 
? refinement       ? ? ? ? ? ? ? ? ? ? ? PHENIX   ? ? ? 1.18.2   2 
? 'data reduction' ? ? ? ? ? ? ? ? ? ? ? HKL-2000 ? ? ? .        3 
? 'data scaling'   ? ? ? ? ? ? ? ? ? ? ? HKL-2000 ? ? ? .        4 
? phasing          ? ? ? ? ? ? ? ? ? ? ? PHASER   ? ? ? .        5 
# 
_cell.angle_alpha                  90.000 
_cell.angle_alpha_esd              ? 
_cell.angle_beta                   90.000 
_cell.angle_beta_esd               ? 
_cell.angle_gamma                  120.000 
_cell.angle_gamma_esd              ? 
_cell.entry_id                     9CSR 
_cell.details                      ? 
_cell.formula_units_Z              ? 
_cell.length_a                     40.942 
_cell.length_a_esd                 ? 
_cell.length_b                     40.942 
_cell.length_b_esd                 ? 
_cell.length_c                     123.477 
_cell.length_c_esd                 ? 
_cell.volume                       ? 
_cell.volume_esd                   ? 
_cell.Z_PDB                        18 
_cell.reciprocal_angle_alpha       ? 
_cell.reciprocal_angle_beta        ? 
_cell.reciprocal_angle_gamma       ? 
_cell.reciprocal_angle_alpha_esd   ? 
_cell.reciprocal_angle_beta_esd    ? 
_cell.reciprocal_angle_gamma_esd   ? 
_cell.reciprocal_length_a          ? 
_cell.reciprocal_length_b          ? 
_cell.reciprocal_length_c          ? 
_cell.reciprocal_length_a_esd      ? 
_cell.reciprocal_length_b_esd      ? 
_cell.reciprocal_length_c_esd      ? 
_cell.pdbx_unique_axis             ? 
_cell.pdbx_esd_method              ? 
# 
_symmetry.entry_id                         9CSR 
_symmetry.cell_setting                     ? 
_symmetry.Int_Tables_number                155 
_symmetry.space_group_name_Hall            ? 
_symmetry.space_group_name_H-M             'H 3 2' 
_symmetry.pdbx_full_space_group_name_H-M   ? 
# 
_exptl.absorpt_coefficient_mu     ? 
_exptl.absorpt_correction_T_max   ? 
_exptl.absorpt_correction_T_min   ? 
_exptl.absorpt_correction_type    ? 
_exptl.absorpt_process_details    ? 
_exptl.entry_id                   9CSR 
_exptl.crystals_number            1 
_exptl.details                    ? 
_exptl.method                     'X-RAY DIFFRACTION' 
_exptl.method_details             ? 
# 
_exptl_crystal.colour                       ? 
_exptl_crystal.density_diffrn               ? 
_exptl_crystal.density_Matthews             1.96 
_exptl_crystal.density_method               ? 
_exptl_crystal.density_percent_sol          37.20 
_exptl_crystal.description                  ? 
_exptl_crystal.F_000                        ? 
_exptl_crystal.id                           1 
_exptl_crystal.preparation                  ? 
_exptl_crystal.size_max                     ? 
_exptl_crystal.size_mid                     ? 
_exptl_crystal.size_min                     ? 
_exptl_crystal.size_rad                     ? 
_exptl_crystal.colour_lustre                ? 
_exptl_crystal.colour_modifier              ? 
_exptl_crystal.colour_primary               ? 
_exptl_crystal.density_meas                 ? 
_exptl_crystal.density_meas_esd             ? 
_exptl_crystal.density_meas_gt              ? 
_exptl_crystal.density_meas_lt              ? 
_exptl_crystal.density_meas_temp            ? 
_exptl_crystal.density_meas_temp_esd        ? 
_exptl_crystal.density_meas_temp_gt         ? 
_exptl_crystal.density_meas_temp_lt         ? 
_exptl_crystal.pdbx_crystal_image_url       ? 
_exptl_crystal.pdbx_crystal_image_format    ? 
_exptl_crystal.pdbx_mosaicity               ? 
_exptl_crystal.pdbx_mosaicity_esd           ? 
_exptl_crystal.pdbx_mosaic_method           ? 
_exptl_crystal.pdbx_mosaic_block_size       ? 
_exptl_crystal.pdbx_mosaic_block_size_esd   ? 
# 
_exptl_crystal_grow.apparatus       ? 
_exptl_crystal_grow.atmosphere      ? 
_exptl_crystal_grow.crystal_id      1 
_exptl_crystal_grow.details         ? 
_exptl_crystal_grow.method          'VAPOR DIFFUSION, SITTING DROP' 
_exptl_crystal_grow.method_ref      ? 
_exptl_crystal_grow.pH              ? 
_exptl_crystal_grow.pressure        ? 
_exptl_crystal_grow.pressure_esd    ? 
_exptl_crystal_grow.seeding         ? 
_exptl_crystal_grow.seeding_ref     ? 
_exptl_crystal_grow.temp_details    ? 
_exptl_crystal_grow.temp_esd        ? 
_exptl_crystal_grow.time            ? 
_exptl_crystal_grow.pdbx_details    '2.0 M Ammonium sulfate, 5% v/v 2-Propanol' 
_exptl_crystal_grow.pdbx_pH_range   ? 
_exptl_crystal_grow.temp            293 
# 
_diffrn.ambient_environment              ? 
_diffrn.ambient_temp                     99 
_diffrn.ambient_temp_details             ? 
_diffrn.ambient_temp_esd                 ? 
_diffrn.crystal_id                       1 
_diffrn.crystal_support                  ? 
_diffrn.crystal_treatment                ? 
_diffrn.details                          ? 
_diffrn.id                               1 
_diffrn.ambient_pressure                 ? 
_diffrn.ambient_pressure_esd             ? 
_diffrn.ambient_pressure_gt              ? 
_diffrn.ambient_pressure_lt              ? 
_diffrn.ambient_temp_gt                  ? 
_diffrn.ambient_temp_lt                  ? 
_diffrn.pdbx_serial_crystal_experiment   N 
# 
_diffrn_detector.details                      ? 
_diffrn_detector.detector                     PIXEL 
_diffrn_detector.diffrn_id                    1 
_diffrn_detector.type                         'DECTRIS EIGER2 S 9M' 
_diffrn_detector.area_resol_mean              ? 
_diffrn_detector.dtime                        ? 
_diffrn_detector.pdbx_frames_total            ? 
_diffrn_detector.pdbx_collection_time_total   ? 
_diffrn_detector.pdbx_collection_date         2024-04-18 
_diffrn_detector.pdbx_frequency               ? 
_diffrn_detector.id                           ? 
_diffrn_detector.number_of_axes               ? 
# 
_diffrn_radiation.collimation                      ? 
_diffrn_radiation.diffrn_id                        1 
_diffrn_radiation.filter_edge                      ? 
_diffrn_radiation.inhomogeneity                    ? 
_diffrn_radiation.monochromator                    ? 
_diffrn_radiation.polarisn_norm                    ? 
_diffrn_radiation.polarisn_ratio                   ? 
_diffrn_radiation.probe                            ? 
_diffrn_radiation.type                             ? 
_diffrn_radiation.xray_symbol                      ? 
_diffrn_radiation.wavelength_id                    1 
_diffrn_radiation.pdbx_monochromatic_or_laue_m_l   M 
_diffrn_radiation.pdbx_wavelength_list             ? 
_diffrn_radiation.pdbx_wavelength                  ? 
_diffrn_radiation.pdbx_diffrn_protocol             'SINGLE WAVELENGTH' 
_diffrn_radiation.pdbx_analyzer                    ? 
_diffrn_radiation.pdbx_scattering_type             x-ray 
# 
_diffrn_radiation_wavelength.id           1 
_diffrn_radiation_wavelength.wavelength   1.000026 
_diffrn_radiation_wavelength.wt           1.0 
# 
_diffrn_source.current                     ? 
_diffrn_source.details                     ? 
_diffrn_source.diffrn_id                   1 
_diffrn_source.power                       ? 
_diffrn_source.size                        ? 
_diffrn_source.source                      SYNCHROTRON 
_diffrn_source.target                      ? 
_diffrn_source.type                        'ALS BEAMLINE 8.2.1' 
_diffrn_source.voltage                     ? 
_diffrn_source.take-off_angle              ? 
_diffrn_source.pdbx_wavelength_list        1.000026 
_diffrn_source.pdbx_wavelength             ? 
_diffrn_source.pdbx_synchrotron_beamline   8.2.1 
_diffrn_source.pdbx_synchrotron_site       ALS 
# 
_reflns.B_iso_Wilson_estimate                          13.46 
_reflns.entry_id                                       9CSR 
_reflns.data_reduction_details                         ? 
_reflns.data_reduction_method                          ? 
_reflns.d_resolution_high                              1.33 
_reflns.d_resolution_low                               50 
_reflns.details                                        ? 
_reflns.limit_h_max                                    ? 
_reflns.limit_h_min                                    ? 
_reflns.limit_k_max                                    ? 
_reflns.limit_k_min                                    ? 
_reflns.limit_l_max                                    ? 
_reflns.limit_l_min                                    ? 
_reflns.number_all                                     ? 
_reflns.number_obs                                     9369 
_reflns.observed_criterion                             ? 
_reflns.observed_criterion_F_max                       ? 
_reflns.observed_criterion_F_min                       ? 
_reflns.observed_criterion_I_max                       ? 
_reflns.observed_criterion_I_min                       ? 
_reflns.observed_criterion_sigma_F                     ? 
_reflns.observed_criterion_sigma_I                     ? 
_reflns.percent_possible_obs                           98.4 
_reflns.R_free_details                                 ? 
_reflns.Rmerge_F_all                                   ? 
_reflns.Rmerge_F_obs                                   ? 
_reflns.Friedel_coverage                               ? 
_reflns.number_gt                                      ? 
_reflns.threshold_expression                           ? 
_reflns.pdbx_redundancy                                7.8 
_reflns.pdbx_netI_over_av_sigmaI                       ? 
_reflns.pdbx_netI_over_sigmaI                          21.6 
_reflns.pdbx_res_netI_over_av_sigmaI_2                 ? 
_reflns.pdbx_res_netI_over_sigmaI_2                    ? 
_reflns.pdbx_chi_squared                               0.946 
_reflns.pdbx_scaling_rejects                           ? 
_reflns.pdbx_d_res_high_opt                            ? 
_reflns.pdbx_d_res_low_opt                             ? 
_reflns.pdbx_d_res_opt_method                          ? 
_reflns.phase_calculation_details                      ? 
_reflns.pdbx_Rrim_I_all                                0.072 
_reflns.pdbx_Rpim_I_all                                0.026 
_reflns.pdbx_d_opt                                     ? 
_reflns.pdbx_number_measured_all                       ? 
_reflns.pdbx_diffrn_id                                 1 
_reflns.pdbx_ordinal                                   1 
_reflns.pdbx_CC_half                                   0.978 
_reflns.pdbx_CC_star                                   0.994 
_reflns.pdbx_R_split                                   ? 
_reflns.pdbx_Rmerge_I_obs                              0.068 
_reflns.pdbx_Rmerge_I_all                              ? 
_reflns.pdbx_Rsym_value                                ? 
_reflns.pdbx_CC_split_method                           ? 
_reflns.pdbx_aniso_diffraction_limit_axis_1_ortho[1]   ? 
_reflns.pdbx_aniso_diffraction_limit_axis_1_ortho[2]   ? 
_reflns.pdbx_aniso_diffraction_limit_axis_1_ortho[3]   ? 
_reflns.pdbx_aniso_diffraction_limit_axis_2_ortho[1]   ? 
_reflns.pdbx_aniso_diffraction_limit_axis_2_ortho[2]   ? 
_reflns.pdbx_aniso_diffraction_limit_axis_2_ortho[3]   ? 
_reflns.pdbx_aniso_diffraction_limit_axis_3_ortho[1]   ? 
_reflns.pdbx_aniso_diffraction_limit_axis_3_ortho[2]   ? 
_reflns.pdbx_aniso_diffraction_limit_axis_3_ortho[3]   ? 
_reflns.pdbx_aniso_diffraction_limit_1                 ? 
_reflns.pdbx_aniso_diffraction_limit_2                 ? 
_reflns.pdbx_aniso_diffraction_limit_3                 ? 
_reflns.pdbx_aniso_B_tensor_eigenvector_1_ortho[1]     ? 
_reflns.pdbx_aniso_B_tensor_eigenvector_1_ortho[2]     ? 
_reflns.pdbx_aniso_B_tensor_eigenvector_1_ortho[3]     ? 
_reflns.pdbx_aniso_B_tensor_eigenvector_2_ortho[1]     ? 
_reflns.pdbx_aniso_B_tensor_eigenvector_2_ortho[2]     ? 
_reflns.pdbx_aniso_B_tensor_eigenvector_2_ortho[3]     ? 
_reflns.pdbx_aniso_B_tensor_eigenvector_3_ortho[1]     ? 
_reflns.pdbx_aniso_B_tensor_eigenvector_3_ortho[2]     ? 
_reflns.pdbx_aniso_B_tensor_eigenvector_3_ortho[3]     ? 
_reflns.pdbx_aniso_B_tensor_eigenvalue_1               ? 
_reflns.pdbx_aniso_B_tensor_eigenvalue_2               ? 
_reflns.pdbx_aniso_B_tensor_eigenvalue_3               ? 
_reflns.pdbx_orthogonalization_convention              ? 
_reflns.pdbx_percent_possible_ellipsoidal              ? 
_reflns.pdbx_percent_possible_spherical                ? 
_reflns.pdbx_percent_possible_ellipsoidal_anomalous    ? 
_reflns.pdbx_percent_possible_spherical_anomalous      ? 
_reflns.pdbx_redundancy_anomalous                      ? 
_reflns.pdbx_CC_half_anomalous                         ? 
_reflns.pdbx_absDiff_over_sigma_anomalous              ? 
_reflns.pdbx_percent_possible_anomalous                ? 
_reflns.pdbx_observed_signal_threshold                 ? 
_reflns.pdbx_signal_type                               ? 
_reflns.pdbx_signal_details                            ? 
_reflns.pdbx_signal_software_id                        ? 
# 
_reflns_shell.d_res_high                                    1.33 
_reflns_shell.d_res_low                                     1.35 
_reflns_shell.meanI_over_sigI_all                           ? 
_reflns_shell.meanI_over_sigI_obs                           2.5 
_reflns_shell.number_measured_all                           ? 
_reflns_shell.number_measured_obs                           ? 
_reflns_shell.number_possible                               ? 
_reflns_shell.number_unique_all                             ? 
_reflns_shell.number_unique_obs                             427 
_reflns_shell.percent_possible_obs                          ? 
_reflns_shell.Rmerge_F_all                                  ? 
_reflns_shell.Rmerge_F_obs                                  ? 
_reflns_shell.meanI_over_sigI_gt                            ? 
_reflns_shell.meanI_over_uI_all                             ? 
_reflns_shell.meanI_over_uI_gt                              ? 
_reflns_shell.number_measured_gt                            ? 
_reflns_shell.number_unique_gt                              ? 
_reflns_shell.percent_possible_gt                           ? 
_reflns_shell.Rmerge_F_gt                                   ? 
_reflns_shell.Rmerge_I_gt                                   ? 
_reflns_shell.pdbx_redundancy                               3.7 
_reflns_shell.pdbx_chi_squared                              0.747 
_reflns_shell.pdbx_netI_over_sigmaI_all                     ? 
_reflns_shell.pdbx_netI_over_sigmaI_obs                     ? 
_reflns_shell.pdbx_Rrim_I_all                               0.546 
_reflns_shell.pdbx_Rpim_I_all                               0.267 
_reflns_shell.pdbx_rejects                                  ? 
_reflns_shell.pdbx_ordinal                                  1 
_reflns_shell.pdbx_diffrn_id                                1 
_reflns_shell.pdbx_CC_half                                  0.850 
_reflns_shell.pdbx_CC_star                                  0.959 
_reflns_shell.pdbx_R_split                                  ? 
_reflns_shell.percent_possible_all                          92.0 
_reflns_shell.Rmerge_I_all                                  ? 
_reflns_shell.Rmerge_I_obs                                  0.471 
_reflns_shell.pdbx_Rsym_value                               ? 
_reflns_shell.pdbx_percent_possible_ellipsoidal             ? 
_reflns_shell.pdbx_percent_possible_spherical               ? 
_reflns_shell.pdbx_percent_possible_ellipsoidal_anomalous   ? 
_reflns_shell.pdbx_percent_possible_spherical_anomalous     ? 
_reflns_shell.pdbx_redundancy_anomalous                     ? 
_reflns_shell.pdbx_CC_half_anomalous                        ? 
_reflns_shell.pdbx_absDiff_over_sigma_anomalous             ? 
_reflns_shell.pdbx_percent_possible_anomalous               ? 
# 
_refine.aniso_B[1][1]                            0.000 
_refine.aniso_B[1][2]                            0.000 
_refine.aniso_B[1][3]                            0.000 
_refine.aniso_B[2][2]                            0.000 
_refine.aniso_B[2][3]                            0.000 
_refine.aniso_B[3][3]                            -0.001 
_refine.B_iso_max                                ? 
_refine.B_iso_mean                               12.883 
_refine.B_iso_min                                ? 
_refine.correlation_coeff_Fo_to_Fc               0.963 
_refine.correlation_coeff_Fo_to_Fc_free          0.954 
_refine.details                                  'Hydrogens have been added in their riding positions' 
_refine.diff_density_max                         ? 
_refine.diff_density_max_esd                     ? 
_refine.diff_density_min                         ? 
_refine.diff_density_min_esd                     ? 
_refine.diff_density_rms                         ? 
_refine.diff_density_rms_esd                     ? 
_refine.entry_id                                 9CSR 
_refine.pdbx_refine_id                           'X-RAY DIFFRACTION' 
_refine.ls_abs_structure_details                 ? 
_refine.ls_abs_structure_Flack                   ? 
_refine.ls_abs_structure_Flack_esd               ? 
_refine.ls_abs_structure_Rogers                  ? 
_refine.ls_abs_structure_Rogers_esd              ? 
_refine.ls_d_res_high                            1.330 
_refine.ls_d_res_low                             30.747 
_refine.ls_extinction_coef                       ? 
_refine.ls_extinction_coef_esd                   ? 
_refine.ls_extinction_expression                 ? 
_refine.ls_extinction_method                     ? 
_refine.ls_goodness_of_fit_all                   ? 
_refine.ls_goodness_of_fit_all_esd               ? 
_refine.ls_goodness_of_fit_obs                   ? 
_refine.ls_goodness_of_fit_obs_esd               ? 
_refine.ls_hydrogen_treatment                    ? 
_refine.ls_matrix_type                           ? 
_refine.ls_number_constraints                    ? 
_refine.ls_number_parameters                     ? 
_refine.ls_number_reflns_all                     ? 
_refine.ls_number_reflns_obs                     9192 
_refine.ls_number_reflns_R_free                  451 
_refine.ls_number_reflns_R_work                  8741 
_refine.ls_number_restraints                     ? 
_refine.ls_percent_reflns_obs                    96.504 
_refine.ls_percent_reflns_R_free                 4.906 
_refine.ls_R_factor_all                          0.190 
_refine.ls_R_factor_obs                          ? 
_refine.ls_R_factor_R_free                       0.2185 
_refine.ls_R_factor_R_free_error                 ? 
_refine.ls_R_factor_R_free_error_details         ? 
_refine.ls_R_factor_R_work                       0.1880 
_refine.ls_R_Fsqd_factor_obs                     ? 
_refine.ls_R_I_factor_obs                        ? 
_refine.ls_redundancy_reflns_all                 ? 
_refine.ls_redundancy_reflns_obs                 ? 
_refine.ls_restrained_S_all                      ? 
_refine.ls_restrained_S_obs                      ? 
_refine.ls_shift_over_esd_max                    ? 
_refine.ls_shift_over_esd_mean                   ? 
_refine.ls_structure_factor_coef                 ? 
_refine.ls_weighting_details                     ? 
_refine.ls_weighting_scheme                      ? 
_refine.ls_wR_factor_all                         ? 
_refine.ls_wR_factor_obs                         ? 
_refine.ls_wR_factor_R_free                      ? 
_refine.ls_wR_factor_R_work                      ? 
_refine.occupancy_max                            ? 
_refine.occupancy_min                            ? 
_refine.solvent_model_details                    'MASK BULK SOLVENT' 
_refine.solvent_model_param_bsol                 ? 
_refine.solvent_model_param_ksol                 ? 
_refine.pdbx_R_complete                          ? 
_refine.ls_R_factor_gt                           ? 
_refine.ls_goodness_of_fit_gt                    ? 
_refine.ls_goodness_of_fit_ref                   ? 
_refine.ls_shift_over_su_max                     ? 
_refine.ls_shift_over_su_max_lt                  ? 
_refine.ls_shift_over_su_mean                    ? 
_refine.ls_shift_over_su_mean_lt                 ? 
_refine.pdbx_ls_sigma_I                          ? 
_refine.pdbx_ls_sigma_F                          ? 
_refine.pdbx_ls_sigma_Fsqd                       ? 
_refine.pdbx_data_cutoff_high_absF               ? 
_refine.pdbx_data_cutoff_high_rms_absF           ? 
_refine.pdbx_data_cutoff_low_absF                ? 
_refine.pdbx_isotropic_thermal_model             ? 
_refine.pdbx_ls_cross_valid_method               'FREE R-VALUE' 
_refine.pdbx_method_to_determine_struct          'MOLECULAR REPLACEMENT' 
_refine.pdbx_starting_model                      ? 
_refine.pdbx_stereochemistry_target_values       ? 
_refine.pdbx_R_Free_selection_details            ? 
_refine.pdbx_stereochem_target_val_spec_case     ? 
_refine.pdbx_overall_ESU_R                       0.063 
_refine.pdbx_overall_ESU_R_Free                  0.065 
_refine.pdbx_solvent_vdw_probe_radii             1.200 
_refine.pdbx_solvent_ion_probe_radii             0.800 
_refine.pdbx_solvent_shrinkage_radii             0.800 
_refine.pdbx_real_space_R                        ? 
_refine.pdbx_density_correlation                 ? 
_refine.pdbx_pd_number_of_powder_patterns        ? 
_refine.pdbx_pd_number_of_points                 ? 
_refine.pdbx_pd_meas_number_of_points            ? 
_refine.pdbx_pd_proc_ls_prof_R_factor            ? 
_refine.pdbx_pd_proc_ls_prof_wR_factor           ? 
_refine.pdbx_pd_Marquardt_correlation_coeff      ? 
_refine.pdbx_pd_Fsqrd_R_factor                   ? 
_refine.pdbx_pd_ls_matrix_band_width             ? 
_refine.pdbx_overall_phase_error                 ? 
_refine.pdbx_overall_SU_R_free_Cruickshank_DPI   ? 
_refine.pdbx_overall_SU_R_free_Blow_DPI          ? 
_refine.pdbx_overall_SU_R_Blow_DPI               ? 
_refine.pdbx_TLS_residual_ADP_flag               ? 
_refine.pdbx_diffrn_id                           1 
_refine.overall_SU_B                             0.901 
_refine.overall_SU_ML                            0.038 
_refine.overall_SU_R_Cruickshank_DPI             ? 
_refine.overall_SU_R_free                        ? 
_refine.overall_FOM_free_R_set                   ? 
_refine.overall_FOM_work_R_set                   ? 
_refine.pdbx_average_fsc_overall                 ? 
_refine.pdbx_average_fsc_work                    ? 
_refine.pdbx_average_fsc_free                    ? 
# 
_refine_hist.pdbx_refine_id                   'X-RAY DIFFRACTION' 
_refine_hist.cycle_id                         LAST 
_refine_hist.details                          ? 
_refine_hist.d_res_high                       1.330 
_refine_hist.d_res_low                        30.747 
_refine_hist.number_atoms_solvent             84 
_refine_hist.number_atoms_total               419 
_refine_hist.number_reflns_all                ? 
_refine_hist.number_reflns_obs                ? 
_refine_hist.number_reflns_R_free             ? 
_refine_hist.number_reflns_R_work             ? 
_refine_hist.R_factor_all                     ? 
_refine_hist.R_factor_obs                     ? 
_refine_hist.R_factor_R_free                  ? 
_refine_hist.R_factor_R_work                  ? 
_refine_hist.pdbx_number_residues_total       ? 
_refine_hist.pdbx_B_iso_mean_ligand           ? 
_refine_hist.pdbx_B_iso_mean_solvent          ? 
_refine_hist.pdbx_number_atoms_protein        0 
_refine_hist.pdbx_number_atoms_nucleic_acid   335 
_refine_hist.pdbx_number_atoms_ligand         0 
_refine_hist.pdbx_number_atoms_lipid          ? 
_refine_hist.pdbx_number_atoms_carb           ? 
_refine_hist.pdbx_pseudo_atom_details         ? 
# 
loop_
_refine_ls_restr.pdbx_refine_id 
_refine_ls_restr.criterion 
_refine_ls_restr.dev_ideal 
_refine_ls_restr.dev_ideal_target 
_refine_ls_restr.number 
_refine_ls_restr.rejects 
_refine_ls_restr.type 
_refine_ls_restr.weight 
_refine_ls_restr.pdbx_restraint_function 
'X-RAY DIFFRACTION' ? 0.017 0.011  374 ? r_bond_refined_d               ? ? 
'X-RAY DIFFRACTION' ? 0.002 0.019  154 ? r_bond_other_d                 ? ? 
'X-RAY DIFFRACTION' ? 2.348 1.972  580 ? r_angle_refined_deg            ? ? 
'X-RAY DIFFRACTION' ? 0.901 1.814  378 ? r_angle_other_deg              ? ? 
'X-RAY DIFFRACTION' ? 0.080 5.000  9   ? r_dihedral_angle_other_2_deg   ? ? 
'X-RAY DIFFRACTION' ? 0.096 0.200  79  ? r_chiral_restr                 ? ? 
'X-RAY DIFFRACTION' ? 0.029 0.020  180 ? r_gen_planes_refined           ? ? 
'X-RAY DIFFRACTION' ? 0.001 0.020  58  ? r_gen_planes_other             ? ? 
'X-RAY DIFFRACTION' ? 0.088 0.200  48  ? r_nbd_refined                  ? ? 
'X-RAY DIFFRACTION' ? 0.206 0.200  179 ? r_symmetry_nbd_other           ? ? 
'X-RAY DIFFRACTION' ? 0.240 0.200  158 ? r_nbtor_refined                ? ? 
'X-RAY DIFFRACTION' ? 0.080 0.200  102 ? r_symmetry_nbtor_other         ? ? 
'X-RAY DIFFRACTION' ? 0.241 0.200  58  ? r_xyhbond_nbd_refined          ? ? 
'X-RAY DIFFRACTION' ? 0.109 0.200  19  ? r_symmetry_nbd_refined         ? ? 
'X-RAY DIFFRACTION' ? 0.155 0.200  82  ? r_nbd_other                    ? ? 
'X-RAY DIFFRACTION' ? 0.145 0.200  36  ? r_symmetry_xyhbond_nbd_refined ? ? 
'X-RAY DIFFRACTION' ? 1.396 1.484  374 ? r_scbond_it                    ? ? 
'X-RAY DIFFRACTION' ? 1.395 1.482  375 ? r_scbond_other                 ? ? 
'X-RAY DIFFRACTION' ? 1.937 2.703  580 ? r_scangle_it                   ? ? 
'X-RAY DIFFRACTION' ? 1.935 2.701  581 ? r_scangle_other                ? ? 
'X-RAY DIFFRACTION' ? 5.286 24.131 567 ? r_lrange_it                    ? ? 
'X-RAY DIFFRACTION' ? 5.148 22.356 547 ? r_lrange_other                 ? ? 
# 
loop_
_refine_ls_shell.pdbx_refine_id 
_refine_ls_shell.d_res_high 
_refine_ls_shell.d_res_low 
_refine_ls_shell.number_reflns_all 
_refine_ls_shell.number_reflns_obs 
_refine_ls_shell.number_reflns_R_free 
_refine_ls_shell.number_reflns_R_work 
_refine_ls_shell.percent_reflns_obs 
_refine_ls_shell.percent_reflns_R_free 
_refine_ls_shell.R_factor_all 
_refine_ls_shell.R_factor_obs 
_refine_ls_shell.R_factor_R_free_error 
_refine_ls_shell.R_factor_R_work 
_refine_ls_shell.redundancy_reflns_all 
_refine_ls_shell.redundancy_reflns_obs 
_refine_ls_shell.wR_factor_all 
_refine_ls_shell.wR_factor_obs 
_refine_ls_shell.wR_factor_R_free 
_refine_ls_shell.wR_factor_R_work 
_refine_ls_shell.pdbx_R_complete 
_refine_ls_shell.pdbx_total_number_of_bins_used 
_refine_ls_shell.pdbx_phase_error 
_refine_ls_shell.pdbx_fsc_work 
_refine_ls_shell.pdbx_fsc_free 
_refine_ls_shell.R_factor_R_free 
'X-RAY DIFFRACTION' 1.330 1.365  697 . 25 517 77.7618  . 0.305 . . 0.300 . . . . . 0.278 . 20 . 0.951 0.928 0.402 
'X-RAY DIFFRACTION' 1.365 1.402  652 . 26 580 92.9448  . 0.254 . . 0.254 . . . . . 0.230 . 20 . 0.963 0.971 0.256 
'X-RAY DIFFRACTION' 1.402 1.443  656 . 32 613 98.3232  . 0.224 . . 0.222 . . . . . 0.200 . 20 . 0.969 0.968 0.261 
'X-RAY DIFFRACTION' 1.443 1.487  638 . 26 612 100.0000 . 0.206 . . 0.207 . . . . . 0.192 . 20 . 0.972 0.978 0.192 
'X-RAY DIFFRACTION' 1.487 1.536  623 . 31 590 99.6790  . 0.195 . . 0.193 . . . . . 0.181 . 20 . 0.975 0.972 0.228 
'X-RAY DIFFRACTION' 1.536 1.589  602 . 32 563 98.8372  . 0.184 . . 0.182 . . . . . 0.176 . 20 . 0.980 0.959 0.228 
'X-RAY DIFFRACTION' 1.589 1.649  573 . 25 535 97.7312  . 0.182 . . 0.179 . . . . . 0.179 . 20 . 0.978 0.969 0.239 
'X-RAY DIFFRACTION' 1.649 1.716  561 . 17 525 96.6132  . 0.207 . . 0.207 . . . . . 0.214 . 20 . 0.972 0.974 0.227 
'X-RAY DIFFRACTION' 1.716 1.792  530 . 25 496 98.3019  . 0.179 . . 0.175 . . . . . 0.191 . 20 . 0.980 0.946 0.257 
'X-RAY DIFFRACTION' 1.792 1.880  514 . 27 483 99.2218  . 0.195 . . 0.194 . . . . . 0.218 . 20 . 0.975 0.974 0.205 
'X-RAY DIFFRACTION' 1.880 1.981  498 . 20 477 99.7992  . 0.193 . . 0.190 . . . . . 0.218 . 20 . 0.976 0.955 0.274 
'X-RAY DIFFRACTION' 1.981 2.100  455 . 20 432 99.3407  . 0.177 . . 0.176 . . . . . 0.212 . 20 . 0.980 0.966 0.216 
'X-RAY DIFFRACTION' 2.100 2.245  444 . 31 413 100.0000 . 0.193 . . 0.191 . . . . . 0.227 . 20 . 0.977 0.968 0.225 
'X-RAY DIFFRACTION' 2.245 2.423  413 . 22 385 98.5472  . 0.205 . . 0.205 . . . . . 0.261 . 20 . 0.975 0.981 0.209 
'X-RAY DIFFRACTION' 2.423 2.653  380 . 28 346 98.4211  . 0.203 . . 0.199 . . . . . 0.264 . 20 . 0.975 0.956 0.250 
'X-RAY DIFFRACTION' 2.653 2.964  354 . 23 314 95.1977  . 0.210 . . 0.203 . . . . . 0.267 . 20 . 0.972 0.944 0.302 
'X-RAY DIFFRACTION' 2.964 3.417  311 . 12 279 93.5691  . 0.178 . . 0.175 . . . . . 0.397 . 20 . 0.973 0.961 0.268 
'X-RAY DIFFRACTION' 3.417 4.172  268 . 12 247 96.6418  . 0.144 . . 0.144 . . . . . 0.221 . 20 . 0.988 0.985 0.151 
'X-RAY DIFFRACTION' 4.172 5.846  215 . 10 203 99.0698  . 0.134 . . 0.137 . . . . . 0.263 . 20 . 0.989 0.996 0.079 
'X-RAY DIFFRACTION' 5.846 30.747 139 . 7  131 99.2806  . 0.240 . . 0.246 . . . . . 0.429 . 20 . 0.967 0.992 0.140 
# 
_struct.entry_id                     9CSR 
_struct.title                        '16mer self-complementary duplex RNA with s(2)C:I pair sequence 2' 
_struct.pdbx_model_details           ? 
_struct.pdbx_formula_weight          ? 
_struct.pdbx_formula_weight_method   ? 
_struct.pdbx_model_type_details      ? 
_struct.pdbx_CASP_flag               N 
# 
_struct_keywords.entry_id        9CSR 
_struct_keywords.text            '2-Thiocytidine, Inosine, Nucleobase Modification, Non-canonical Base Pair, RNA, Origin of Life' 
_struct_keywords.pdbx_keywords   RNA 
# 
loop_
_struct_asym.id 
_struct_asym.pdbx_blank_PDB_chainid_flag 
_struct_asym.pdbx_modified 
_struct_asym.entity_id 
_struct_asym.details 
A N N 1 ? 
B N N 2 ? 
# 
_struct_ref.id                         1 
_struct_ref.db_name                    PDB 
_struct_ref.db_code                    9CSR 
_struct_ref.pdbx_db_accession          9CSR 
_struct_ref.pdbx_db_isoform            ? 
_struct_ref.entity_id                  1 
_struct_ref.pdbx_seq_one_letter_code   ? 
_struct_ref.pdbx_align_begin           1 
# 
_struct_ref_seq.align_id                      1 
_struct_ref_seq.ref_id                        1 
_struct_ref_seq.pdbx_PDB_id_code              9CSR 
_struct_ref_seq.pdbx_strand_id                A 
_struct_ref_seq.seq_align_beg                 1 
_struct_ref_seq.pdbx_seq_align_beg_ins_code   ? 
_struct_ref_seq.seq_align_end                 16 
_struct_ref_seq.pdbx_seq_align_end_ins_code   ? 
_struct_ref_seq.pdbx_db_accession             9CSR 
_struct_ref_seq.db_align_beg                  1 
_struct_ref_seq.pdbx_db_align_beg_ins_code    ? 
_struct_ref_seq.db_align_end                  16 
_struct_ref_seq.pdbx_db_align_end_ins_code    ? 
_struct_ref_seq.pdbx_auth_seq_align_beg       1 
_struct_ref_seq.pdbx_auth_seq_align_end       16 
# 
_pdbx_struct_assembly.id                   1 
_pdbx_struct_assembly.details              author_and_software_defined_assembly 
_pdbx_struct_assembly.method_details       PISA 
_pdbx_struct_assembly.oligomeric_details   dimeric 
_pdbx_struct_assembly.oligomeric_count     2 
# 
loop_
_pdbx_struct_assembly_prop.biol_id 
_pdbx_struct_assembly_prop.type 
_pdbx_struct_assembly_prop.value 
_pdbx_struct_assembly_prop.details 
1 'ABSA (A^2)' 1420 ? 
1 MORE         -5   ? 
1 'SSA (A^2)'  5800 ? 
# 
_pdbx_struct_assembly_gen.assembly_id       1 
_pdbx_struct_assembly_gen.oper_expression   1,2 
_pdbx_struct_assembly_gen.asym_id_list      A,B 
# 
loop_
_pdbx_struct_oper_list.id 
_pdbx_struct_oper_list.type 
_pdbx_struct_oper_list.name 
_pdbx_struct_oper_list.symmetry_operation 
_pdbx_struct_oper_list.matrix[1][1] 
_pdbx_struct_oper_list.matrix[1][2] 
_pdbx_struct_oper_list.matrix[1][3] 
_pdbx_struct_oper_list.vector[1] 
_pdbx_struct_oper_list.matrix[2][1] 
_pdbx_struct_oper_list.matrix[2][2] 
_pdbx_struct_oper_list.matrix[2][3] 
_pdbx_struct_oper_list.vector[2] 
_pdbx_struct_oper_list.matrix[3][1] 
_pdbx_struct_oper_list.matrix[3][2] 
_pdbx_struct_oper_list.matrix[3][3] 
_pdbx_struct_oper_list.vector[3] 
1 'identity operation'         1_555  x,y,z                 1.0000000000 0.0000000000 0.0000000000  0.0000000000 0.0000000000 1.0000000000  0.0000000000  0.0000000000  0.0000000000  0.0000000000  1.0000000000  0.0000000000  
2 'crystal symmetry operation' 17_554 x-y+1/3,-y+2/3,-z-1/3 0.3591163075 0.8775900628 -0.3176022030 0.0018067627 0.8775900628 -0.4333345026 -0.2050777669 -1.2141213892 -0.3176022030 -0.2050777669 -0.9257818048 -3.3470966373 
# 
loop_
_struct_conn.id 
_struct_conn.conn_type_id 
_struct_conn.pdbx_leaving_atom_flag 
_struct_conn.pdbx_PDB_id 
_struct_conn.ptnr1_label_asym_id 
_struct_conn.ptnr1_label_comp_id 
_struct_conn.ptnr1_label_seq_id 
_struct_conn.ptnr1_label_atom_id 
_struct_conn.pdbx_ptnr1_label_alt_id 
_struct_conn.pdbx_ptnr1_PDB_ins_code 
_struct_conn.pdbx_ptnr1_standard_comp_id 
_struct_conn.ptnr1_symmetry 
_struct_conn.ptnr2_label_asym_id 
_struct_conn.ptnr2_label_comp_id 
_struct_conn.ptnr2_label_seq_id 
_struct_conn.ptnr2_label_atom_id 
_struct_conn.pdbx_ptnr2_label_alt_id 
_struct_conn.pdbx_ptnr2_PDB_ins_code 
_struct_conn.ptnr1_auth_asym_id 
_struct_conn.ptnr1_auth_comp_id 
_struct_conn.ptnr1_auth_seq_id 
_struct_conn.ptnr2_auth_asym_id 
_struct_conn.ptnr2_auth_comp_id 
_struct_conn.ptnr2_auth_seq_id 
_struct_conn.ptnr2_symmetry 
_struct_conn.pdbx_ptnr3_label_atom_id 
_struct_conn.pdbx_ptnr3_label_seq_id 
_struct_conn.pdbx_ptnr3_label_comp_id 
_struct_conn.pdbx_ptnr3_label_asym_id 
_struct_conn.pdbx_ptnr3_label_alt_id 
_struct_conn.pdbx_ptnr3_PDB_ins_code 
_struct_conn.details 
_struct_conn.pdbx_dist_value 
_struct_conn.pdbx_value_order 
_struct_conn.pdbx_role 
covale1  covale both ? A U   9  "O3'" ? ? ? 1_555 A RSP 10 P  ? ? A U   9  A RSP 10 1_555  ? ? ? ? ? ? ?            1.602 ? ? 
covale2  covale both ? A RSP 10 "O3'" ? ? ? 1_555 A U   11 P  ? ? A RSP 10 A U   11 1_555  ? ? ? ? ? ? ?            1.604 ? ? 
hydrog1  hydrog ?    ? A A   1  N1    ? ? ? 1_555 A U   16 N3 ? ? A A   1  A U   16 17_554 ? ? ? ? ? ? WATSON-CRICK ?     ? ? 
hydrog2  hydrog ?    ? A A   1  N6    ? ? ? 1_555 A U   16 O4 ? ? A A   1  A U   16 17_554 ? ? ? ? ? ? WATSON-CRICK ?     ? ? 
hydrog3  hydrog ?    ? A G   2  N1    ? ? ? 1_555 A C   15 N3 ? ? A G   2  A C   15 17_554 ? ? ? ? ? ? WATSON-CRICK ?     ? ? 
hydrog4  hydrog ?    ? A G   2  N2    ? ? ? 1_555 A C   15 O2 ? ? A G   2  A C   15 17_554 ? ? ? ? ? ? WATSON-CRICK ?     ? ? 
hydrog5  hydrog ?    ? A G   2  O6    ? ? ? 1_555 A C   15 N4 ? ? A G   2  A C   15 17_554 ? ? ? ? ? ? WATSON-CRICK ?     ? ? 
hydrog6  hydrog ?    ? A A   3  N1    ? ? ? 1_555 A U   14 N3 ? ? A A   3  A U   14 17_554 ? ? ? ? ? ? WATSON-CRICK ?     ? ? 
hydrog7  hydrog ?    ? A A   3  N6    ? ? ? 1_555 A U   14 O4 ? ? A A   3  A U   14 17_554 ? ? ? ? ? ? WATSON-CRICK ?     ? ? 
hydrog8  hydrog ?    ? A G   4  N1    ? ? ? 1_555 A C   13 N3 ? ? A G   4  A C   13 17_554 ? ? ? ? ? ? WATSON-CRICK ?     ? ? 
hydrog9  hydrog ?    ? A G   4  N2    ? ? ? 1_555 A C   13 O2 ? ? A G   4  A C   13 17_554 ? ? ? ? ? ? WATSON-CRICK ?     ? ? 
hydrog10 hydrog ?    ? A G   4  O6    ? ? ? 1_555 A C   13 N4 ? ? A G   4  A C   13 17_554 ? ? ? ? ? ? WATSON-CRICK ?     ? ? 
hydrog11 hydrog ?    ? A A   5  N1    ? ? ? 1_555 A U   12 N3 ? ? A A   5  A U   12 17_554 ? ? ? ? ? ? WATSON-CRICK ?     ? ? 
hydrog12 hydrog ?    ? A A   5  N6    ? ? ? 1_555 A U   12 O4 ? ? A A   5  A U   12 17_554 ? ? ? ? ? ? WATSON-CRICK ?     ? ? 
hydrog13 hydrog ?    ? A A   6  N1    ? ? ? 1_555 A U   11 N3 ? ? A A   6  A U   11 17_554 ? ? ? ? ? ? WATSON-CRICK ?     ? ? 
hydrog14 hydrog ?    ? A A   6  N6    ? ? ? 1_555 A U   11 O4 ? ? A A   6  A U   11 17_554 ? ? ? ? ? ? WATSON-CRICK ?     ? ? 
hydrog15 hydrog ?    ? A I   7  N1    ? ? ? 1_555 A RSP 10 N3 ? ? A I   7  A RSP 10 17_554 ? ? ? ? ? ? TYPE_29_PAIR ?     ? ? 
hydrog16 hydrog ?    ? A I   7  O6    ? ? ? 1_555 A RSP 10 N4 ? ? A I   7  A RSP 10 17_554 ? ? ? ? ? ? TYPE_29_PAIR ?     ? ? 
hydrog17 hydrog ?    ? A A   8  N1    ? ? ? 1_555 A U   9  N3 ? ? A A   8  A U   9  17_554 ? ? ? ? ? ? WATSON-CRICK ?     ? ? 
hydrog18 hydrog ?    ? A A   8  N6    ? ? ? 1_555 A U   9  O4 ? ? A A   8  A U   9  17_554 ? ? ? ? ? ? WATSON-CRICK ?     ? ? 
hydrog19 hydrog ?    ? A U   9  N3    ? ? ? 1_555 A A   8  N1 ? ? A U   9  A A   8  17_554 ? ? ? ? ? ? WATSON-CRICK ?     ? ? 
hydrog20 hydrog ?    ? A U   9  O4    ? ? ? 1_555 A A   8  N6 ? ? A U   9  A A   8  17_554 ? ? ? ? ? ? WATSON-CRICK ?     ? ? 
hydrog21 hydrog ?    ? A RSP 10 N3    ? ? ? 1_555 A I   7  N1 ? ? A RSP 10 A I   7  17_554 ? ? ? ? ? ? TYPE_29_PAIR ?     ? ? 
hydrog22 hydrog ?    ? A RSP 10 N4    ? ? ? 1_555 A I   7  O6 ? ? A RSP 10 A I   7  17_554 ? ? ? ? ? ? TYPE_29_PAIR ?     ? ? 
hydrog23 hydrog ?    ? A U   11 N3    ? ? ? 1_555 A A   6  N1 ? ? A U   11 A A   6  17_554 ? ? ? ? ? ? WATSON-CRICK ?     ? ? 
hydrog24 hydrog ?    ? A U   11 O4    ? ? ? 1_555 A A   6  N6 ? ? A U   11 A A   6  17_554 ? ? ? ? ? ? WATSON-CRICK ?     ? ? 
hydrog25 hydrog ?    ? A U   12 N3    ? ? ? 1_555 A A   5  N1 ? ? A U   12 A A   5  17_554 ? ? ? ? ? ? WATSON-CRICK ?     ? ? 
hydrog26 hydrog ?    ? A U   12 O4    ? ? ? 1_555 A A   5  N6 ? ? A U   12 A A   5  17_554 ? ? ? ? ? ? WATSON-CRICK ?     ? ? 
hydrog27 hydrog ?    ? A C   13 N3    ? ? ? 1_555 A G   4  N1 ? ? A C   13 A G   4  17_554 ? ? ? ? ? ? WATSON-CRICK ?     ? ? 
hydrog28 hydrog ?    ? A C   13 N4    ? ? ? 1_555 A G   4  O6 ? ? A C   13 A G   4  17_554 ? ? ? ? ? ? WATSON-CRICK ?     ? ? 
hydrog29 hydrog ?    ? A C   13 O2    ? ? ? 1_555 A G   4  N2 ? ? A C   13 A G   4  17_554 ? ? ? ? ? ? WATSON-CRICK ?     ? ? 
hydrog30 hydrog ?    ? A U   14 N3    ? ? ? 1_555 A A   3  N1 ? ? A U   14 A A   3  17_554 ? ? ? ? ? ? WATSON-CRICK ?     ? ? 
hydrog31 hydrog ?    ? A U   14 O4    ? ? ? 1_555 A A   3  N6 ? ? A U   14 A A   3  17_554 ? ? ? ? ? ? WATSON-CRICK ?     ? ? 
hydrog32 hydrog ?    ? A C   15 N3    ? ? ? 1_555 A G   2  N1 ? ? A C   15 A G   2  17_554 ? ? ? ? ? ? WATSON-CRICK ?     ? ? 
hydrog33 hydrog ?    ? A C   15 N4    ? ? ? 1_555 A G   2  O6 ? ? A C   15 A G   2  17_554 ? ? ? ? ? ? WATSON-CRICK ?     ? ? 
hydrog34 hydrog ?    ? A C   15 O2    ? ? ? 1_555 A G   2  N2 ? ? A C   15 A G   2  17_554 ? ? ? ? ? ? WATSON-CRICK ?     ? ? 
hydrog35 hydrog ?    ? A U   16 N3    ? ? ? 1_555 A A   1  N1 ? ? A U   16 A A   1  17_554 ? ? ? ? ? ? WATSON-CRICK ?     ? ? 
hydrog36 hydrog ?    ? A U   16 O4    ? ? ? 1_555 A A   1  N6 ? ? A U   16 A A   1  17_554 ? ? ? ? ? ? WATSON-CRICK ?     ? ? 
# 
loop_
_struct_conn_type.id 
_struct_conn_type.criteria 
_struct_conn_type.reference 
covale ? ? 
hydrog ? ? 
# 
_pdbx_entry_details.entry_id                   9CSR 
_pdbx_entry_details.has_ligand_of_interest     Y 
_pdbx_entry_details.compound_details           ? 
_pdbx_entry_details.source_details             ? 
_pdbx_entry_details.nonpolymer_details         ? 
_pdbx_entry_details.sequence_details           ? 
_pdbx_entry_details.has_protein_modification   N 
# 
loop_
_pdbx_validate_close_contact.id 
_pdbx_validate_close_contact.PDB_model_num 
_pdbx_validate_close_contact.auth_atom_id_1 
_pdbx_validate_close_contact.auth_asym_id_1 
_pdbx_validate_close_contact.auth_comp_id_1 
_pdbx_validate_close_contact.auth_seq_id_1 
_pdbx_validate_close_contact.PDB_ins_code_1 
_pdbx_validate_close_contact.label_alt_id_1 
_pdbx_validate_close_contact.auth_atom_id_2 
_pdbx_validate_close_contact.auth_asym_id_2 
_pdbx_validate_close_contact.auth_comp_id_2 
_pdbx_validate_close_contact.auth_seq_id_2 
_pdbx_validate_close_contact.PDB_ins_code_2 
_pdbx_validate_close_contact.label_alt_id_2 
_pdbx_validate_close_contact.dist 
1 1 O  A HOH 116 ? ? O A HOH 174 ? ? 2.10 
2 1 O2 A U   11  ? ? O A HOH 101 ? ? 2.14 
3 1 O  A HOH 107 ? ? O A HOH 170 ? ? 2.17 
# 
loop_
_pdbx_validate_rmsd_angle.id 
_pdbx_validate_rmsd_angle.PDB_model_num 
_pdbx_validate_rmsd_angle.auth_atom_id_1 
_pdbx_validate_rmsd_angle.auth_asym_id_1 
_pdbx_validate_rmsd_angle.auth_comp_id_1 
_pdbx_validate_rmsd_angle.auth_seq_id_1 
_pdbx_validate_rmsd_angle.PDB_ins_code_1 
_pdbx_validate_rmsd_angle.label_alt_id_1 
_pdbx_validate_rmsd_angle.auth_atom_id_2 
_pdbx_validate_rmsd_angle.auth_asym_id_2 
_pdbx_validate_rmsd_angle.auth_comp_id_2 
_pdbx_validate_rmsd_angle.auth_seq_id_2 
_pdbx_validate_rmsd_angle.PDB_ins_code_2 
_pdbx_validate_rmsd_angle.label_alt_id_2 
_pdbx_validate_rmsd_angle.auth_atom_id_3 
_pdbx_validate_rmsd_angle.auth_asym_id_3 
_pdbx_validate_rmsd_angle.auth_comp_id_3 
_pdbx_validate_rmsd_angle.auth_seq_id_3 
_pdbx_validate_rmsd_angle.PDB_ins_code_3 
_pdbx_validate_rmsd_angle.label_alt_id_3 
_pdbx_validate_rmsd_angle.angle_value 
_pdbx_validate_rmsd_angle.angle_target_value 
_pdbx_validate_rmsd_angle.angle_deviation 
_pdbx_validate_rmsd_angle.angle_standard_deviation 
_pdbx_validate_rmsd_angle.linker_flag 
1 1 "O5'" A I   7  ? ? P A I 7  ? ? OP2 A I 7  ? ? 94.93  105.70 -10.77 0.90 N 
2 1 "O3'" A RSP 10 ? ? P A U 11 ? ? OP2 A U 11 ? ? 117.94 110.50 7.44   1.10 Y 
3 1 "O5'" A U   11 ? ? P A U 11 ? ? OP2 A U 11 ? ? 96.43  105.70 -9.27  0.90 N 
# 
_pdbx_validate_planes.id              1 
_pdbx_validate_planes.PDB_model_num   1 
_pdbx_validate_planes.auth_comp_id    C 
_pdbx_validate_planes.auth_asym_id    A 
_pdbx_validate_planes.auth_seq_id     15 
_pdbx_validate_planes.PDB_ins_code    ? 
_pdbx_validate_planes.label_alt_id    ? 
_pdbx_validate_planes.rmsd            0.059 
_pdbx_validate_planes.type            'SIDE CHAIN' 
# 
loop_
_pdbx_struct_special_symmetry.id 
_pdbx_struct_special_symmetry.PDB_model_num 
_pdbx_struct_special_symmetry.auth_asym_id 
_pdbx_struct_special_symmetry.auth_comp_id 
_pdbx_struct_special_symmetry.auth_seq_id 
_pdbx_struct_special_symmetry.PDB_ins_code 
_pdbx_struct_special_symmetry.label_asym_id 
_pdbx_struct_special_symmetry.label_comp_id 
_pdbx_struct_special_symmetry.label_seq_id 
1 1 A HOH 103 ? B HOH . 
2 1 A HOH 124 ? B HOH . 
3 1 A HOH 150 ? B HOH . 
4 1 A HOH 155 ? B HOH . 
5 1 A HOH 162 ? B HOH . 
6 1 A HOH 175 ? B HOH . 
7 1 A HOH 176 ? B HOH . 
# 
loop_
_space_group_symop.id 
_space_group_symop.operation_xyz 
1  x,y,z                  
2  -y,x-y,z               
3  -x+y,-x,z              
4  x-y,-y,-z              
5  -x,-x+y,-z             
6  y,x,-z                 
7  x+1/3,y+2/3,z+2/3      
8  -y+1/3,x-y+2/3,z+2/3   
9  -x+y+1/3,-x+2/3,z+2/3  
10 x-y+1/3,-y+2/3,-z+2/3  
11 -x+1/3,-x+y+2/3,-z+2/3 
12 y+1/3,x+2/3,-z+2/3     
13 x+2/3,y+1/3,z+1/3      
14 -y+2/3,x-y+1/3,z+1/3   
15 -x+y+2/3,-x+1/3,z+1/3  
16 x-y+2/3,-y+1/3,-z+1/3  
17 -x+2/3,-x+y+1/3,-z+1/3 
18 y+2/3,x+1/3,-z+1/3     
# 
loop_
_chem_comp_atom.comp_id 
_chem_comp_atom.atom_id 
_chem_comp_atom.type_symbol 
_chem_comp_atom.pdbx_aromatic_flag 
_chem_comp_atom.pdbx_stereo_config 
_chem_comp_atom.pdbx_ordinal 
A   OP3    O N N 1   
A   P      P N N 2   
A   OP1    O N N 3   
A   OP2    O N N 4   
A   "O5'"  O N N 5   
A   "C5'"  C N N 6   
A   "C4'"  C N R 7   
A   "O4'"  O N N 8   
A   "C3'"  C N S 9   
A   "O3'"  O N N 10  
A   "C2'"  C N R 11  
A   "O2'"  O N N 12  
A   "C1'"  C N R 13  
A   N9     N Y N 14  
A   C8     C Y N 15  
A   N7     N Y N 16  
A   C5     C Y N 17  
A   C6     C Y N 18  
A   N6     N N N 19  
A   N1     N Y N 20  
A   C2     C Y N 21  
A   N3     N Y N 22  
A   C4     C Y N 23  
A   HOP3   H N N 24  
A   HOP2   H N N 25  
A   "H5'"  H N N 26  
A   "H5''" H N N 27  
A   "H4'"  H N N 28  
A   "H3'"  H N N 29  
A   "HO3'" H N N 30  
A   "H2'"  H N N 31  
A   "HO2'" H N N 32  
A   "H1'"  H N N 33  
A   H8     H N N 34  
A   H61    H N N 35  
A   H62    H N N 36  
A   H2     H N N 37  
C   OP3    O N N 38  
C   P      P N N 39  
C   OP1    O N N 40  
C   OP2    O N N 41  
C   "O5'"  O N N 42  
C   "C5'"  C N N 43  
C   "C4'"  C N R 44  
C   "O4'"  O N N 45  
C   "C3'"  C N S 46  
C   "O3'"  O N N 47  
C   "C2'"  C N R 48  
C   "O2'"  O N N 49  
C   "C1'"  C N R 50  
C   N1     N N N 51  
C   C2     C N N 52  
C   O2     O N N 53  
C   N3     N N N 54  
C   C4     C N N 55  
C   N4     N N N 56  
C   C5     C N N 57  
C   C6     C N N 58  
C   HOP3   H N N 59  
C   HOP2   H N N 60  
C   "H5'"  H N N 61  
C   "H5''" H N N 62  
C   "H4'"  H N N 63  
C   "H3'"  H N N 64  
C   "HO3'" H N N 65  
C   "H2'"  H N N 66  
C   "HO2'" H N N 67  
C   "H1'"  H N N 68  
C   H41    H N N 69  
C   H42    H N N 70  
C   H5     H N N 71  
C   H6     H N N 72  
G   OP3    O N N 73  
G   P      P N N 74  
G   OP1    O N N 75  
G   OP2    O N N 76  
G   "O5'"  O N N 77  
G   "C5'"  C N N 78  
G   "C4'"  C N R 79  
G   "O4'"  O N N 80  
G   "C3'"  C N S 81  
G   "O3'"  O N N 82  
G   "C2'"  C N R 83  
G   "O2'"  O N N 84  
G   "C1'"  C N R 85  
G   N9     N Y N 86  
G   C8     C Y N 87  
G   N7     N Y N 88  
G   C5     C Y N 89  
G   C6     C N N 90  
G   O6     O N N 91  
G   N1     N N N 92  
G   C2     C N N 93  
G   N2     N N N 94  
G   N3     N N N 95  
G   C4     C Y N 96  
G   HOP3   H N N 97  
G   HOP2   H N N 98  
G   "H5'"  H N N 99  
G   "H5''" H N N 100 
G   "H4'"  H N N 101 
G   "H3'"  H N N 102 
G   "HO3'" H N N 103 
G   "H2'"  H N N 104 
G   "HO2'" H N N 105 
G   "H1'"  H N N 106 
G   H8     H N N 107 
G   H1     H N N 108 
G   H21    H N N 109 
G   H22    H N N 110 
HOH O      O N N 111 
HOH H1     H N N 112 
HOH H2     H N N 113 
I   OP3    O N N 114 
I   P      P N N 115 
I   OP1    O N N 116 
I   OP2    O N N 117 
I   "O5'"  O N N 118 
I   "C5'"  C N N 119 
I   "C4'"  C N R 120 
I   "O4'"  O N N 121 
I   "C3'"  C N S 122 
I   "O3'"  O N N 123 
I   "C2'"  C N R 124 
I   "O2'"  O N N 125 
I   "C1'"  C N R 126 
I   N9     N Y N 127 
I   C8     C Y N 128 
I   N7     N Y N 129 
I   C5     C Y N 130 
I   C6     C N N 131 
I   O6     O N N 132 
I   N1     N N N 133 
I   C2     C N N 134 
I   N3     N N N 135 
I   C4     C Y N 136 
I   HOP3   H N N 137 
I   HOP2   H N N 138 
I   "H5'"  H N N 139 
I   "H5''" H N N 140 
I   "H4'"  H N N 141 
I   "H3'"  H N N 142 
I   "HO3'" H N N 143 
I   "H2'"  H N N 144 
I   "HO2'" H N N 145 
I   "H1'"  H N N 146 
I   H8     H N N 147 
I   H1     H N N 148 
I   H2     H N N 149 
RSP P      P N N 150 
RSP N1     N N N 151 
RSP C2     C N N 152 
RSP S2     S N N 153 
RSP N3     N N N 154 
RSP C4     C N N 155 
RSP N4     N N N 156 
RSP C5     C N N 157 
RSP C6     C N N 158 
RSP "C1'"  C N R 159 
RSP "C2'"  C N R 160 
RSP "O2'"  O N N 161 
RSP "C3'"  C N S 162 
RSP "O3'"  O N N 163 
RSP "C4'"  C N R 164 
RSP "O4'"  O N N 165 
RSP "C5'"  C N N 166 
RSP "O5'"  O N N 167 
RSP OP1    O N N 168 
RSP OP2    O N N 169 
RSP OP3    O N N 170 
RSP H5     H N N 171 
RSP H6     H N N 172 
RSP "H5'"  H N N 173 
RSP "H1'"  H N N 174 
RSP "H2'"  H N N 175 
RSP "HO2'" H N N 176 
RSP "H3'"  H N N 177 
RSP "H4'"  H N N 178 
RSP HN4    H N N 179 
RSP HN4A   H N N 180 
RSP "H5'A" H N N 181 
RSP "HO3'" H N N 182 
RSP HOP2   H N N 183 
RSP HOP3   H N N 184 
U   OP3    O N N 185 
U   P      P N N 186 
U   OP1    O N N 187 
U   OP2    O N N 188 
U   "O5'"  O N N 189 
U   "C5'"  C N N 190 
U   "C4'"  C N R 191 
U   "O4'"  O N N 192 
U   "C3'"  C N S 193 
U   "O3'"  O N N 194 
U   "C2'"  C N R 195 
U   "O2'"  O N N 196 
U   "C1'"  C N R 197 
U   N1     N N N 198 
U   C2     C N N 199 
U   O2     O N N 200 
U   N3     N N N 201 
U   C4     C N N 202 
U   O4     O N N 203 
U   C5     C N N 204 
U   C6     C N N 205 
U   HOP3   H N N 206 
U   HOP2   H N N 207 
U   "H5'"  H N N 208 
U   "H5''" H N N 209 
U   "H4'"  H N N 210 
U   "H3'"  H N N 211 
U   "HO3'" H N N 212 
U   "H2'"  H N N 213 
U   "HO2'" H N N 214 
U   "H1'"  H N N 215 
U   H3     H N N 216 
U   H5     H N N 217 
U   H6     H N N 218 
# 
loop_
_chem_comp_bond.comp_id 
_chem_comp_bond.atom_id_1 
_chem_comp_bond.atom_id_2 
_chem_comp_bond.value_order 
_chem_comp_bond.pdbx_aromatic_flag 
_chem_comp_bond.pdbx_stereo_config 
_chem_comp_bond.pdbx_ordinal 
A   OP3    P      sing N N 1   
A   OP3    HOP3   sing N N 2   
A   P      OP1    doub N N 3   
A   P      OP2    sing N N 4   
A   P      "O5'"  sing N N 5   
A   OP2    HOP2   sing N N 6   
A   "O5'"  "C5'"  sing N N 7   
A   "C5'"  "C4'"  sing N N 8   
A   "C5'"  "H5'"  sing N N 9   
A   "C5'"  "H5''" sing N N 10  
A   "C4'"  "O4'"  sing N N 11  
A   "C4'"  "C3'"  sing N N 12  
A   "C4'"  "H4'"  sing N N 13  
A   "O4'"  "C1'"  sing N N 14  
A   "C3'"  "O3'"  sing N N 15  
A   "C3'"  "C2'"  sing N N 16  
A   "C3'"  "H3'"  sing N N 17  
A   "O3'"  "HO3'" sing N N 18  
A   "C2'"  "O2'"  sing N N 19  
A   "C2'"  "C1'"  sing N N 20  
A   "C2'"  "H2'"  sing N N 21  
A   "O2'"  "HO2'" sing N N 22  
A   "C1'"  N9     sing N N 23  
A   "C1'"  "H1'"  sing N N 24  
A   N9     C8     sing Y N 25  
A   N9     C4     sing Y N 26  
A   C8     N7     doub Y N 27  
A   C8     H8     sing N N 28  
A   N7     C5     sing Y N 29  
A   C5     C6     sing Y N 30  
A   C5     C4     doub Y N 31  
A   C6     N6     sing N N 32  
A   C6     N1     doub Y N 33  
A   N6     H61    sing N N 34  
A   N6     H62    sing N N 35  
A   N1     C2     sing Y N 36  
A   C2     N3     doub Y N 37  
A   C2     H2     sing N N 38  
A   N3     C4     sing Y N 39  
C   OP3    P      sing N N 40  
C   OP3    HOP3   sing N N 41  
C   P      OP1    doub N N 42  
C   P      OP2    sing N N 43  
C   P      "O5'"  sing N N 44  
C   OP2    HOP2   sing N N 45  
C   "O5'"  "C5'"  sing N N 46  
C   "C5'"  "C4'"  sing N N 47  
C   "C5'"  "H5'"  sing N N 48  
C   "C5'"  "H5''" sing N N 49  
C   "C4'"  "O4'"  sing N N 50  
C   "C4'"  "C3'"  sing N N 51  
C   "C4'"  "H4'"  sing N N 52  
C   "O4'"  "C1'"  sing N N 53  
C   "C3'"  "O3'"  sing N N 54  
C   "C3'"  "C2'"  sing N N 55  
C   "C3'"  "H3'"  sing N N 56  
C   "O3'"  "HO3'" sing N N 57  
C   "C2'"  "O2'"  sing N N 58  
C   "C2'"  "C1'"  sing N N 59  
C   "C2'"  "H2'"  sing N N 60  
C   "O2'"  "HO2'" sing N N 61  
C   "C1'"  N1     sing N N 62  
C   "C1'"  "H1'"  sing N N 63  
C   N1     C2     sing N N 64  
C   N1     C6     sing N N 65  
C   C2     O2     doub N N 66  
C   C2     N3     sing N N 67  
C   N3     C4     doub N N 68  
C   C4     N4     sing N N 69  
C   C4     C5     sing N N 70  
C   N4     H41    sing N N 71  
C   N4     H42    sing N N 72  
C   C5     C6     doub N N 73  
C   C5     H5     sing N N 74  
C   C6     H6     sing N N 75  
G   OP3    P      sing N N 76  
G   OP3    HOP3   sing N N 77  
G   P      OP1    doub N N 78  
G   P      OP2    sing N N 79  
G   P      "O5'"  sing N N 80  
G   OP2    HOP2   sing N N 81  
G   "O5'"  "C5'"  sing N N 82  
G   "C5'"  "C4'"  sing N N 83  
G   "C5'"  "H5'"  sing N N 84  
G   "C5'"  "H5''" sing N N 85  
G   "C4'"  "O4'"  sing N N 86  
G   "C4'"  "C3'"  sing N N 87  
G   "C4'"  "H4'"  sing N N 88  
G   "O4'"  "C1'"  sing N N 89  
G   "C3'"  "O3'"  sing N N 90  
G   "C3'"  "C2'"  sing N N 91  
G   "C3'"  "H3'"  sing N N 92  
G   "O3'"  "HO3'" sing N N 93  
G   "C2'"  "O2'"  sing N N 94  
G   "C2'"  "C1'"  sing N N 95  
G   "C2'"  "H2'"  sing N N 96  
G   "O2'"  "HO2'" sing N N 97  
G   "C1'"  N9     sing N N 98  
G   "C1'"  "H1'"  sing N N 99  
G   N9     C8     sing Y N 100 
G   N9     C4     sing Y N 101 
G   C8     N7     doub Y N 102 
G   C8     H8     sing N N 103 
G   N7     C5     sing Y N 104 
G   C5     C6     sing N N 105 
G   C5     C4     doub Y N 106 
G   C6     O6     doub N N 107 
G   C6     N1     sing N N 108 
G   N1     C2     sing N N 109 
G   N1     H1     sing N N 110 
G   C2     N2     sing N N 111 
G   C2     N3     doub N N 112 
G   N2     H21    sing N N 113 
G   N2     H22    sing N N 114 
G   N3     C4     sing N N 115 
HOH O      H1     sing N N 116 
HOH O      H2     sing N N 117 
I   OP3    P      sing N N 118 
I   OP3    HOP3   sing N N 119 
I   P      OP1    doub N N 120 
I   P      OP2    sing N N 121 
I   P      "O5'"  sing N N 122 
I   OP2    HOP2   sing N N 123 
I   "O5'"  "C5'"  sing N N 124 
I   "C5'"  "C4'"  sing N N 125 
I   "C5'"  "H5'"  sing N N 126 
I   "C5'"  "H5''" sing N N 127 
I   "C4'"  "O4'"  sing N N 128 
I   "C4'"  "C3'"  sing N N 129 
I   "C4'"  "H4'"  sing N N 130 
I   "O4'"  "C1'"  sing N N 131 
I   "C3'"  "O3'"  sing N N 132 
I   "C3'"  "C2'"  sing N N 133 
I   "C3'"  "H3'"  sing N N 134 
I   "O3'"  "HO3'" sing N N 135 
I   "C2'"  "O2'"  sing N N 136 
I   "C2'"  "C1'"  sing N N 137 
I   "C2'"  "H2'"  sing N N 138 
I   "O2'"  "HO2'" sing N N 139 
I   "C1'"  N9     sing N N 140 
I   "C1'"  "H1'"  sing N N 141 
I   N9     C8     sing Y N 142 
I   N9     C4     sing Y N 143 
I   C8     N7     doub Y N 144 
I   C8     H8     sing N N 145 
I   N7     C5     sing Y N 146 
I   C5     C6     sing N N 147 
I   C5     C4     doub Y N 148 
I   C6     O6     doub N N 149 
I   C6     N1     sing N N 150 
I   N1     C2     sing N N 151 
I   N1     H1     sing N N 152 
I   C2     N3     doub N N 153 
I   C2     H2     sing N N 154 
I   N3     C4     sing N N 155 
RSP OP1    P      doub N N 156 
RSP OP3    P      sing N N 157 
RSP P      OP2    sing N N 158 
RSP P      "O5'"  sing N N 159 
RSP C6     N1     sing N N 160 
RSP N1     C2     sing N N 161 
RSP N1     "C1'"  sing N N 162 
RSP N3     C2     sing N N 163 
RSP C2     S2     doub N N 164 
RSP C4     N3     doub N N 165 
RSP N4     C4     sing N N 166 
RSP C5     C4     sing N N 167 
RSP HN4    N4     sing N N 168 
RSP N4     HN4A   sing N N 169 
RSP H5     C5     sing N N 170 
RSP C5     C6     doub N N 171 
RSP H6     C6     sing N N 172 
RSP "O4'"  "C1'"  sing N N 173 
RSP "C1'"  "H1'"  sing N N 174 
RSP "C1'"  "C2'"  sing N N 175 
RSP "C3'"  "C2'"  sing N N 176 
RSP "C2'"  "H2'"  sing N N 177 
RSP "C2'"  "O2'"  sing N N 178 
RSP "O2'"  "HO2'" sing N N 179 
RSP "C4'"  "C3'"  sing N N 180 
RSP "H3'"  "C3'"  sing N N 181 
RSP "C3'"  "O3'"  sing N N 182 
RSP "O3'"  "HO3'" sing N N 183 
RSP "C5'"  "C4'"  sing N N 184 
RSP "O4'"  "C4'"  sing N N 185 
RSP "C4'"  "H4'"  sing N N 186 
RSP "O5'"  "C5'"  sing N N 187 
RSP "H5'A" "C5'"  sing N N 188 
RSP "C5'"  "H5'"  sing N N 189 
RSP OP2    HOP2   sing N N 190 
RSP OP3    HOP3   sing N N 191 
U   OP3    P      sing N N 192 
U   OP3    HOP3   sing N N 193 
U   P      OP1    doub N N 194 
U   P      OP2    sing N N 195 
U   P      "O5'"  sing N N 196 
U   OP2    HOP2   sing N N 197 
U   "O5'"  "C5'"  sing N N 198 
U   "C5'"  "C4'"  sing N N 199 
U   "C5'"  "H5'"  sing N N 200 
U   "C5'"  "H5''" sing N N 201 
U   "C4'"  "O4'"  sing N N 202 
U   "C4'"  "C3'"  sing N N 203 
U   "C4'"  "H4'"  sing N N 204 
U   "O4'"  "C1'"  sing N N 205 
U   "C3'"  "O3'"  sing N N 206 
U   "C3'"  "C2'"  sing N N 207 
U   "C3'"  "H3'"  sing N N 208 
U   "O3'"  "HO3'" sing N N 209 
U   "C2'"  "O2'"  sing N N 210 
U   "C2'"  "C1'"  sing N N 211 
U   "C2'"  "H2'"  sing N N 212 
U   "O2'"  "HO2'" sing N N 213 
U   "C1'"  N1     sing N N 214 
U   "C1'"  "H1'"  sing N N 215 
U   N1     C2     sing N N 216 
U   N1     C6     sing N N 217 
U   C2     O2     doub N N 218 
U   C2     N3     sing N N 219 
U   N3     C4     sing N N 220 
U   N3     H3     sing N N 221 
U   C4     O4     doub N N 222 
U   C4     C5     sing N N 223 
U   C5     C6     doub N N 224 
U   C5     H5     sing N N 225 
U   C6     H6     sing N N 226 
# 
loop_
_ndb_struct_conf_na.entry_id 
_ndb_struct_conf_na.feature 
9CSR 'a-form double helix'  
9CSR 'mismatched base pair' 
# 
loop_
_ndb_struct_na_base_pair.model_number 
_ndb_struct_na_base_pair.i_label_asym_id 
_ndb_struct_na_base_pair.i_label_comp_id 
_ndb_struct_na_base_pair.i_label_seq_id 
_ndb_struct_na_base_pair.i_symmetry 
_ndb_struct_na_base_pair.j_label_asym_id 
_ndb_struct_na_base_pair.j_label_comp_id 
_ndb_struct_na_base_pair.j_label_seq_id 
_ndb_struct_na_base_pair.j_symmetry 
_ndb_struct_na_base_pair.shear 
_ndb_struct_na_base_pair.stretch 
_ndb_struct_na_base_pair.stagger 
_ndb_struct_na_base_pair.buckle 
_ndb_struct_na_base_pair.propeller 
_ndb_struct_na_base_pair.opening 
_ndb_struct_na_base_pair.pair_number 
_ndb_struct_na_base_pair.pair_name 
_ndb_struct_na_base_pair.i_auth_asym_id 
_ndb_struct_na_base_pair.i_auth_seq_id 
_ndb_struct_na_base_pair.i_PDB_ins_code 
_ndb_struct_na_base_pair.j_auth_asym_id 
_ndb_struct_na_base_pair.j_auth_seq_id 
_ndb_struct_na_base_pair.j_PDB_ins_code 
_ndb_struct_na_base_pair.hbond_type_28 
_ndb_struct_na_base_pair.hbond_type_12 
1 A A   1  1_555 A U   16 17_554 -0.068 -0.187 0.070  -0.780  -10.325 0.703  1  A_A1:U16_A   A 1  ? A 16 ? 20 1 
1 A G   2  1_555 A C   15 17_554 -0.225 -0.260 -0.050 -3.291  -13.844 -1.610 2  A_G2:C15_A   A 2  ? A 15 ? 19 1 
1 A A   3  1_555 A U   14 17_554 0.073  -0.157 0.015  -2.318  -13.336 2.464  3  A_A3:U14_A   A 3  ? A 14 ? 20 1 
1 A G   4  1_555 A C   13 17_554 -0.341 -0.219 -0.065 -1.240  -11.337 -1.550 4  A_G4:C13_A   A 4  ? A 13 ? 19 1 
1 A A   5  1_555 A U   12 17_554 0.047  -0.215 -0.101 -4.038  -8.167  2.390  5  A_A5:U12_A   A 5  ? A 12 ? 20 1 
1 A A   6  1_555 A U   11 17_554 -0.029 -0.031 -0.091 -11.064 -16.059 3.754  6  A_A6:U11_A   A 6  ? A 11 ? 20 1 
1 A I   7  1_555 A RSP 10 17_554 -0.276 -0.204 0.036  -1.612  -8.434  0.925  7  A_I7:RSP10_A A 7  ? A 10 ? 29 1 
1 A A   8  1_555 A U   9  17_554 -0.049 -0.205 0.019  0.242   -17.280 1.377  8  A_A8:U9_A    A 8  ? A 9  ? 20 1 
1 A U   9  1_555 A A   8  17_554 0.049  -0.205 0.019  -0.242  -17.280 1.377  9  A_U9:A8_A    A 9  ? A 8  ? 20 1 
1 A RSP 10 1_555 A I   7  17_554 0.276  -0.204 0.036  1.612   -8.434  0.925  10 A_RSP10:I7_A A 10 ? A 7  ? 29 1 
1 A U   11 1_555 A A   6  17_554 0.029  -0.031 -0.091 11.064  -16.059 3.754  11 A_U11:A6_A   A 11 ? A 6  ? 20 1 
1 A U   12 1_555 A A   5  17_554 -0.047 -0.215 -0.101 4.038   -8.167  2.390  12 A_U12:A5_A   A 12 ? A 5  ? 20 1 
1 A C   13 1_555 A G   4  17_554 0.341  -0.219 -0.065 1.240   -11.337 -1.550 13 A_C13:G4_A   A 13 ? A 4  ? 19 1 
1 A U   14 1_555 A A   3  17_554 -0.073 -0.157 0.015  2.318   -13.336 2.464  14 A_U14:A3_A   A 14 ? A 3  ? 20 1 
1 A C   15 1_555 A G   2  17_554 0.225  -0.260 -0.050 3.291   -13.844 -1.610 15 A_C15:G2_A   A 15 ? A 2  ? 19 1 
1 A U   16 1_555 A A   1  17_554 0.068  -0.187 0.070  0.780   -10.325 0.703  16 A_U16:A1_A   A 16 ? A 1  ? 20 1 
# 
loop_
_ndb_struct_na_base_pair_step.model_number 
_ndb_struct_na_base_pair_step.i_label_asym_id_1 
_ndb_struct_na_base_pair_step.i_label_comp_id_1 
_ndb_struct_na_base_pair_step.i_label_seq_id_1 
_ndb_struct_na_base_pair_step.i_symmetry_1 
_ndb_struct_na_base_pair_step.j_label_asym_id_1 
_ndb_struct_na_base_pair_step.j_label_comp_id_1 
_ndb_struct_na_base_pair_step.j_label_seq_id_1 
_ndb_struct_na_base_pair_step.j_symmetry_1 
_ndb_struct_na_base_pair_step.i_label_asym_id_2 
_ndb_struct_na_base_pair_step.i_label_comp_id_2 
_ndb_struct_na_base_pair_step.i_label_seq_id_2 
_ndb_struct_na_base_pair_step.i_symmetry_2 
_ndb_struct_na_base_pair_step.j_label_asym_id_2 
_ndb_struct_na_base_pair_step.j_label_comp_id_2 
_ndb_struct_na_base_pair_step.j_label_seq_id_2 
_ndb_struct_na_base_pair_step.j_symmetry_2 
_ndb_struct_na_base_pair_step.shift 
_ndb_struct_na_base_pair_step.slide 
_ndb_struct_na_base_pair_step.rise 
_ndb_struct_na_base_pair_step.tilt 
_ndb_struct_na_base_pair_step.roll 
_ndb_struct_na_base_pair_step.twist 
_ndb_struct_na_base_pair_step.x_displacement 
_ndb_struct_na_base_pair_step.y_displacement 
_ndb_struct_na_base_pair_step.helical_rise 
_ndb_struct_na_base_pair_step.inclination 
_ndb_struct_na_base_pair_step.tip 
_ndb_struct_na_base_pair_step.helical_twist 
_ndb_struct_na_base_pair_step.step_number 
_ndb_struct_na_base_pair_step.step_name 
_ndb_struct_na_base_pair_step.i_auth_asym_id_1 
_ndb_struct_na_base_pair_step.i_auth_seq_id_1 
_ndb_struct_na_base_pair_step.i_PDB_ins_code_1 
_ndb_struct_na_base_pair_step.j_auth_asym_id_1 
_ndb_struct_na_base_pair_step.j_auth_seq_id_1 
_ndb_struct_na_base_pair_step.j_PDB_ins_code_1 
_ndb_struct_na_base_pair_step.i_auth_asym_id_2 
_ndb_struct_na_base_pair_step.i_auth_seq_id_2 
_ndb_struct_na_base_pair_step.i_PDB_ins_code_2 
_ndb_struct_na_base_pair_step.j_auth_asym_id_2 
_ndb_struct_na_base_pair_step.j_auth_seq_id_2 
_ndb_struct_na_base_pair_step.j_PDB_ins_code_2 
1 A A   1  1_555 A U   16 17_554 A G   2  1_555 A C   15 17_554 -0.602 -1.070 3.229 -1.078 6.879  33.937 -2.813 0.853  2.979 
11.633 1.823  34.623 1  AA_A1G2:C15U16_AA   A 1  ? A 16 ? A 2  ? A 15 ? 
1 A G   2  1_555 A C   15 17_554 A A   3  1_555 A U   14 17_554 0.694  -1.204 3.179 0.668  5.017  33.979 -2.783 -1.076 2.989 8.525 
-1.135 34.343 2  AA_G2A3:U14C15_AA   A 2  ? A 15 ? A 3  ? A 14 ? 
1 A A   3  1_555 A U   14 17_554 A G   4  1_555 A C   13 17_554 -0.524 -1.401 3.165 -1.817 10.957 31.877 -4.027 0.637  2.581 
19.235 3.190  33.709 3  AA_A3G4:C13U14_AA   A 3  ? A 14 ? A 4  ? A 13 ? 
1 A G   4  1_555 A C   13 17_554 A A   5  1_555 A U   12 17_554 0.473  -1.615 3.307 0.256  11.136 29.835 -4.835 -0.820 2.558 
20.741 -0.478 31.802 4  AA_G4A5:U12C13_AA   A 4  ? A 13 ? A 5  ? A 12 ? 
1 A A   5  1_555 A U   12 17_554 A A   6  1_555 A U   11 17_554 0.865  -1.790 3.362 3.850  15.781 31.874 -5.033 -0.897 2.333 
26.680 -6.508 35.679 5  AA_A5A6:U11U12_AA   A 5  ? A 12 ? A 6  ? A 11 ? 
1 A A   6  1_555 A U   11 17_554 A I   7  1_555 A RSP 10 17_554 -0.637 -1.795 2.922 -1.024 7.458  25.912 -5.415 1.151  2.346 
16.201 2.225  26.965 6  AA_A6I7:RSP10U11_AA A 6  ? A 11 ? A 7  ? A 10 ? 
1 A I   7  1_555 A RSP 10 17_554 A A   8  1_555 A U   9  17_554 -0.126 -1.326 3.200 0.027  8.030  32.791 -3.499 0.221  2.806 
13.965 -0.047 33.733 7  AA_I7A8:U9RSP10_AA  A 7  ? A 10 ? A 8  ? A 9  ? 
1 A A   8  1_555 A U   9  17_554 A U   9  1_555 A A   8  17_554 0.000  -1.242 3.202 0.000  6.342  31.700 -3.291 0.000  2.905 
11.467 0.000  32.312 8  AA_A8U9:A8U9_AA     A 8  ? A 9  ? A 9  ? A 8  ? 
1 A U   9  1_555 A A   8  17_554 A RSP 10 1_555 A I   7  17_554 0.126  -1.326 3.200 -0.027 8.030  32.791 -3.499 -0.221 2.806 
13.965 0.047  33.733 9  AA_U9RSP10:I7A8_AA  A 9  ? A 8  ? A 10 ? A 7  ? 
1 A RSP 10 1_555 A I   7  17_554 A U   11 1_555 A A   6  17_554 0.637  -1.795 2.922 1.024  7.458  25.912 -5.415 -1.151 2.346 
16.201 -2.225 26.965 10 AA_RSP10U11:A6I7_AA A 10 ? A 7  ? A 11 ? A 6  ? 
1 A U   11 1_555 A A   6  17_554 A U   12 1_555 A A   5  17_554 -0.865 -1.790 3.362 -3.850 15.781 31.874 -5.033 0.897  2.333 
26.680 6.508  35.679 11 AA_U11U12:A5A6_AA   A 11 ? A 6  ? A 12 ? A 5  ? 
1 A U   12 1_555 A A   5  17_554 A C   13 1_555 A G   4  17_554 -0.473 -1.615 3.307 -0.256 11.136 29.835 -4.835 0.820  2.558 
20.741 0.478  31.802 12 AA_U12C13:G4A5_AA   A 12 ? A 5  ? A 13 ? A 4  ? 
1 A C   13 1_555 A G   4  17_554 A U   14 1_555 A A   3  17_554 0.524  -1.401 3.165 1.817  10.957 31.877 -4.027 -0.637 2.581 
19.235 -3.190 33.709 13 AA_C13U14:A3G4_AA   A 13 ? A 4  ? A 14 ? A 3  ? 
1 A U   14 1_555 A A   3  17_554 A C   15 1_555 A G   2  17_554 -0.694 -1.204 3.179 -0.668 5.017  33.979 -2.783 1.076  2.989 8.525 
1.135  34.343 14 AA_U14C15:G2A3_AA   A 14 ? A 3  ? A 15 ? A 2  ? 
1 A C   15 1_555 A G   2  17_554 A U   16 1_555 A A   1  17_554 0.602  -1.070 3.229 1.078  6.879  33.937 -2.813 -0.853 2.979 
11.633 -1.823 34.623 15 AA_C15U16:A1G2_AA   A 15 ? A 2  ? A 16 ? A 1  ? 
# 
loop_
_pdbx_audit_support.funding_organization 
_pdbx_audit_support.country 
_pdbx_audit_support.grant_number 
_pdbx_audit_support.ordinal 
'National Science Foundation (NSF, United States)' 'United States' 2104708 1 
'Howard Hughes Medical Institute (HHMI)'           'United States' ?       2 
# 
_pdbx_initial_refinement_model.id               1 
_pdbx_initial_refinement_model.entity_id_list   ? 
_pdbx_initial_refinement_model.type             'experimental model' 
_pdbx_initial_refinement_model.source_name      PDB 
_pdbx_initial_refinement_model.accession_code   3ND4 
_pdbx_initial_refinement_model.details          ? 
# 
_space_group.name_H-M_alt     'R 3 2 :H' 
_space_group.name_Hall        
;R 3 2"
;
_space_group.IT_number        155 
_space_group.crystal_system   trigonal 
_space_group.id               1 
# 
_atom_sites.entry_id                    9CSR 
_atom_sites.Cartn_transf_matrix[1][1]   ? 
_atom_sites.Cartn_transf_matrix[1][2]   ? 
_atom_sites.Cartn_transf_matrix[1][3]   ? 
_atom_sites.Cartn_transf_matrix[2][1]   ? 
_atom_sites.Cartn_transf_matrix[2][2]   ? 
_atom_sites.Cartn_transf_matrix[2][3]   ? 
_atom_sites.Cartn_transf_matrix[3][1]   ? 
_atom_sites.Cartn_transf_matrix[3][2]   ? 
_atom_sites.Cartn_transf_matrix[3][3]   ? 
_atom_sites.Cartn_transf_vector[1]      ? 
_atom_sites.Cartn_transf_vector[2]      ? 
_atom_sites.Cartn_transf_vector[3]      ? 
_atom_sites.Cartn_transform_axes        ? 
_atom_sites.fract_transf_matrix[1][1]   -0.01342142 
_atom_sites.fract_transf_matrix[1][2]   -0.01959761 
_atom_sites.fract_transf_matrix[1][3]   0.01520677 
_atom_sites.fract_transf_matrix[2][1]   0.01342633 
_atom_sites.fract_transf_matrix[2][2]   -0.01319239 
_atom_sites.fract_transf_matrix[2][3]   0.02100247 
_atom_sites.fract_transf_matrix[3][1]   -0.00248058 
_atom_sites.fract_transf_matrix[3][2]   0.00571460 
_atom_sites.fract_transf_matrix[3][3]   0.00517531 
_atom_sites.fract_transf_vector[1]      0.253846 
_atom_sites.fract_transf_vector[2]      0.360457 
_atom_sites.fract_transf_vector[3]      -0.154541 
_atom_sites.solution_primary            ? 
_atom_sites.solution_secondary          ? 
_atom_sites.solution_hydrogens          ? 
_atom_sites.special_details             ? 
# 
loop_
_atom_type.symbol 
_atom_type.scat_dispersion_real 
_atom_type.scat_dispersion_imag 
_atom_type.scat_Cromer_Mann_a1 
_atom_type.scat_Cromer_Mann_a2 
_atom_type.scat_Cromer_Mann_a3 
_atom_type.scat_Cromer_Mann_a4 
_atom_type.scat_Cromer_Mann_b1 
_atom_type.scat_Cromer_Mann_b2 
_atom_type.scat_Cromer_Mann_b3 
_atom_type.scat_Cromer_Mann_b4 
_atom_type.scat_Cromer_Mann_c 
_atom_type.scat_source 
_atom_type.scat_dispersion_source 
C ? ? 3.54356 2.42580 ? ? 25.62398 1.50364  ? ? 0.0 
;2-Gaussian fit: Grosse-Kunstleve RW, Sauter NK, Adams PD: Newsletter of the IUCr Commission on Crystallographic Computing 2004, 3, 22-31.
;
? 
N ? ? 4.01032 2.96436 ? ? 19.97189 1.75589  ? ? 0.0 
;2-Gaussian fit: Grosse-Kunstleve RW, Sauter NK, Adams PD: Newsletter of the IUCr Commission on Crystallographic Computing 2004, 3, 22-31.
;
? 
O ? ? 4.49882 3.47563 ? ? 15.80542 1.70748  ? ? 0.0 
;2-Gaussian fit: Grosse-Kunstleve RW, Sauter NK, Adams PD: Newsletter of the IUCr Commission on Crystallographic Computing 2004, 3, 22-31.
;
? 
P ? ? 9.51135 5.44231 ? ? 1.42069  35.72801 ? ? 0.0 
;2-Gaussian fit: Grosse-Kunstleve RW, Sauter NK, Adams PD: Newsletter of the IUCr Commission on Crystallographic Computing 2004, 3, 22-31.
;
? 
S ? ? 9.55732 6.39887 ? ? 1.23737  29.19336 ? ? 0.0 
;2-Gaussian fit: Grosse-Kunstleve RW, Sauter NK, Adams PD: Newsletter of the IUCr Commission on Crystallographic Computing 2004, 3, 22-31.
;
? 
# 
loop_
_atom_site.group_PDB 
_atom_site.id 
_atom_site.type_symbol 
_atom_site.label_atom_id 
_atom_site.label_alt_id 
_atom_site.label_comp_id 
_atom_site.label_asym_id 
_atom_site.label_entity_id 
_atom_site.label_seq_id 
_atom_site.pdbx_PDB_ins_code 
_atom_site.Cartn_x 
_atom_site.Cartn_y 
_atom_site.Cartn_z 
_atom_site.occupancy 
_atom_site.B_iso_or_equiv 
_atom_site.pdbx_formal_charge 
_atom_site.auth_seq_id 
_atom_site.auth_comp_id 
_atom_site.auth_asym_id 
_atom_site.auth_atom_id 
_atom_site.pdbx_PDB_model_num 
ATOM   1   O "O5'" . A   A 1 1  ? 2.649   -17.275 -6.685  1.000 21.688 0 1   A   A "O5'" 1 
ATOM   2   C "C5'" . A   A 1 1  ? 3.155   -18.008 -5.573  1.000 16.325 0 1   A   A "C5'" 1 
ATOM   3   C "C4'" . A   A 1 1  ? 4.658   -18.093 -5.611  1.000 14.366 0 1   A   A "C4'" 1 
ATOM   4   O "O4'" . A   A 1 1  ? 5.097   -18.703 -6.844  1.000 12.509 0 1   A   A "O4'" 1 
ATOM   5   C "C3'" . A   A 1 1  ? 5.412   -16.773 -5.621  1.000 13.161 0 1   A   A "C3'" 1 
ATOM   6   O "O3'" . A   A 1 1  ? 5.574   -16.362 -4.287  1.000 14.849 0 1   A   A "O3'" 1 
ATOM   7   C "C2'" . A   A 1 1  ? 6.756   -17.175 -6.182  1.000 13.256 0 1   A   A "C2'" 1 
ATOM   8   O "O2'" . A   A 1 1  ? 7.488   -17.962 -5.296  1.000 13.513 0 1   A   A "O2'" 1 
ATOM   9   C "C1'" . A   A 1 1  ? 6.259   -18.048 -7.305  1.000 11.370 0 1   A   A "C1'" 1 
ATOM   10  N N9    . A   A 1 1  ? 5.886   -17.383 -8.534  1.000 10.905 0 1   A   A N9    1 
ATOM   11  C C8    . A   A 1 1  ? 4.636   -17.298 -9.079  1.000 11.563 0 1   A   A C8    1 
ATOM   12  N N7    . A   A 1 1  ? 4.618   -16.774 -10.271 1.000 12.288 0 1   A   A N7    1 
ATOM   13  C C5    . A   A 1 1  ? 5.961   -16.514 -10.520 1.000 9.291  0 1   A   A C5    1 
ATOM   14  C C6    . A   A 1 1  ? 6.614   -15.991 -11.638 1.000 9.374  0 1   A   A C6    1 
ATOM   15  N N6    . A   A 1 1  ? 6.001   -15.642 -12.732 1.000 9.774  0 1   A   A N6    1 
ATOM   16  N N1    . A   A 1 1  ? 7.940   -15.868 -11.569 1.000 9.787  0 1   A   A N1    1 
ATOM   17  C C2    . A   A 1 1  ? 8.582   -16.264 -10.492 1.000 9.806  0 1   A   A C2    1 
ATOM   18  N N3    . A   A 1 1  ? 8.068   -16.794 -9.397  1.000 9.374  0 1   A   A N3    1 
ATOM   19  C C4    . A   A 1 1  ? 6.749   -16.906 -9.486  1.000 9.567  0 1   A   A C4    1 
ATOM   20  P P     . G   A 1 2  ? 5.500   -14.818 -3.905  1.000 14.118 0 2   G   A P     1 
ATOM   21  O OP1   . G   A 1 2  ? 5.368   -14.707 -2.434  1.000 16.726 0 2   G   A OP1   1 
ATOM   22  O OP2   . G   A 1 2  ? 4.541   -14.113 -4.753  1.000 14.973 0 2   G   A OP2   1 
ATOM   23  O "O5'" . G   A 1 2  ? 6.910   -14.276 -4.368  1.000 13.778 0 2   G   A "O5'" 1 
ATOM   24  C "C5'" . G   A 1 2  ? 8.071   -14.700 -3.712  1.000 14.442 0 2   G   A "C5'" 1 
ATOM   25  C "C4'" . G   A 1 2  ? 9.264   -14.164 -4.462  1.000 13.673 0 2   G   A "C4'" 1 
ATOM   26  O "O4'" . G   A 1 2  ? 9.354   -14.844 -5.733  1.000 13.320 0 2   G   A "O4'" 1 
ATOM   27  C "C3'" . G   A 1 2  ? 9.195   -12.690 -4.841  1.000 13.019 0 2   G   A "C3'" 1 
ATOM   28  O "O3'" . G   A 1 2  ? 9.551   -11.832 -3.782  1.000 14.071 0 2   G   A "O3'" 1 
ATOM   29  C "C2'" . G   A 1 2  ? 10.205  -12.675 -5.963  1.000 13.148 0 2   G   A "C2'" 1 
ATOM   30  O "O2'" . G   A 1 2  ? 11.529  -12.762 -5.526  1.000 14.873 0 2   G   A "O2'" 1 
ATOM   31  C "C1'" . G   A 1 2  ? 9.834   -13.930 -6.708  1.000 11.637 0 2   G   A "C1'" 1 
ATOM   32  N N9    . G   A 1 2  ? 8.767   -13.685 -7.641  1.000 11.118 0 2   G   A N9    1 
ATOM   33  C C8    . G   A 1 2  ? 7.430   -13.918 -7.520  1.000 9.977  0 2   G   A C8    1 
ATOM   34  N N7    . G   A 1 2  ? 6.721   -13.633 -8.560  1.000 9.506  0 2   G   A N7    1 
ATOM   35  C C5    . G   A 1 2  ? 7.670   -13.169 -9.462  1.000 9.345  0 2   G   A C5    1 
ATOM   36  C C6    . G   A 1 2  ? 7.499   -12.754 -10.777 1.000 8.949  0 2   G   A C6    1 
ATOM   37  O O6    . G   A 1 2  ? 6.470   -12.700 -11.405 1.000 10.842 0 2   G   A O6    1 
ATOM   38  N N1    . G   A 1 2  ? 8.693   -12.305 -11.332 1.000 9.273  0 2   G   A N1    1 
ATOM   39  C C2    . G   A 1 2  ? 9.903   -12.292 -10.683 1.000 9.252  0 2   G   A C2    1 
ATOM   40  N N2    . G   A 1 2  ? 10.940  -11.804 -11.375 1.000 10.378 0 2   G   A N2    1 
ATOM   41  N N3    . G   A 1 2  ? 10.081  -12.764 -9.458  1.000 9.050  0 2   G   A N3    1 
ATOM   42  C C4    . G   A 1 2  ? 8.915   -13.164 -8.902  1.000 9.267  0 2   G   A C4    1 
ATOM   43  P P     . A   A 1 3  ? 8.925   -10.377 -3.675  1.000 13.914 0 3   A   A P     1 
ATOM   44  O OP1   . A   A 1 3  ? 9.505   -9.873  -2.407  1.000 17.580 0 3   A   A OP1   1 
ATOM   45  O OP2   . A   A 1 3  ? 7.484   -10.403 -3.892  1.000 15.109 0 3   A   A OP2   1 
ATOM   46  O "O5'" . A   A 1 3  ? 9.599   -9.599  -4.905  1.000 12.630 0 3   A   A "O5'" 1 
ATOM   47  C "C5'" . A   A 1 3  ? 11.049  -9.410  -4.946  1.000 11.917 0 3   A   A "C5'" 1 
ATOM   48  C "C4'" . A   A 1 3  ? 11.388  -8.898  -6.323  1.000 11.633 0 3   A   A "C4'" 1 
ATOM   49  O "O4'" . A   A 1 3  ? 10.933  -9.839  -7.301  1.000 10.820 0 3   A   A "O4'" 1 
ATOM   50  C "C3'" . A   A 1 3  ? 10.646  -7.640  -6.710  1.000 12.756 0 3   A   A "C3'" 1 
ATOM   51  O "O3'" . A   A 1 3  ? 11.247  -6.534  -6.093  1.000 12.955 0 3   A   A "O3'" 1 
ATOM   52  C "C2'" . A   A 1 3  ? 10.841  -7.676  -8.211  1.000 11.516 0 3   A   A "C2'" 1 
ATOM   53  O "O2'" . A   A 1 3  ? 12.153  -7.327  -8.579  1.000 12.741 0 3   A   A "O2'" 1 
ATOM   54  C "C1'" . A   A 1 3  ? 10.550  -9.135  -8.461  1.000 10.585 0 3   A   A "C1'" 1 
ATOM   55  N N9    . A   A 1 3  ? 9.160   -9.423  -8.701  1.000 10.240 0 3   A   A N9    1 
ATOM   56  C C8    . A   A 1 3  ? 8.207   -9.902  -7.855  1.000 10.519 0 3   A   A C8    1 
ATOM   57  N N7    . A   A 1 3  ? 7.037   -10.055 -8.414  1.000 9.864  0 3   A   A N7    1 
ATOM   58  C C5    . A   A 1 3  ? 7.240   -9.637  -9.713  1.000 8.700  0 3   A   A C5    1 
ATOM   59  C C6    . A   A 1 3  ? 6.367   -9.572  -10.810 1.000 8.004  0 3   A   A C6    1 
ATOM   60  N N6    . A   A 1 3  ? 5.123   -9.976  -10.819 1.000 8.650  0 3   A   A N6    1 
ATOM   61  N N1    . A   A 1 3  ? 6.890   -9.093  -11.968 1.000 9.081  0 3   A   A N1    1 
ATOM   62  C C2    . A   A 1 3  ? 8.150   -8.724  -12.002 1.000 9.225  0 3   A   A C2    1 
ATOM   63  N N3    . A   A 1 3  ? 9.074   -8.778  -11.042 1.000 8.957  0 3   A   A N3    1 
ATOM   64  C C4    . A   A 1 3  ? 8.532   -9.231  -9.914  1.000 9.087  0 3   A   A C4    1 
ATOM   65  P P     . G   A 1 4  ? 10.400  -5.222  -5.877  1.000 14.948 0 4   G   A P     1 
ATOM   66  O OP1   . G   A 1 4  ? 11.263  -4.330  -5.041  1.000 17.556 0 4   G   A OP1   1 
ATOM   67  O OP2   . G   A 1 4  ? 9.028   -5.536  -5.446  1.000 16.661 0 4   G   A OP2   1 
ATOM   68  O "O5'" . G   A 1 4  ? 10.275  -4.561  -7.326  1.000 14.960 0 4   G   A "O5'" 1 
ATOM   69  C "C5'" . G   A 1 4  ? 11.438  -4.019  -7.979  1.000 14.085 0 4   G   A "C5'" 1 
ATOM   70  C "C4'" . G   A 1 4  ? 11.033  -3.526  -9.335  1.000 14.021 0 4   G   A "C4'" 1 
ATOM   71  O "O4'" . G   A 1 4  ? 10.656  -4.655  -10.152 1.000 14.574 0 4   G   A "O4'" 1 
ATOM   72  C "C3'" . G   A 1 4  ? 9.789   -2.653  -9.424  1.000 15.951 0 4   G   A "C3'" 1 
ATOM   73  O "O3'" . G   A 1 4  ? 10.101  -1.358  -8.986  1.000 17.241 0 4   G   A "O3'" 1 
ATOM   74  C "C2'" . G   A 1 4  ? 9.483   -2.757  -10.904 1.000 14.508 0 4   G   A "C2'" 1 
ATOM   75  O "O2'" . G   A 1 4  ? 10.422  -2.097  -11.694 1.000 17.317 0 4   G   A "O2'" 1 
ATOM   76  C "C1'" . G   A 1 4  ? 9.664   -4.253  -11.085 1.000 14.195 0 4   G   A "C1'" 1 
ATOM   77  N N9    . G   A 1 4  ? 8.459   -4.984  -10.763 1.000 12.659 0 4   G   A N9    1 
ATOM   78  C C8    . G   A 1 4  ? 8.138   -5.551  -9.566  1.000 12.111 0 4   G   A C8    1 
ATOM   79  N N7    . G   A 1 4  ? 6.980   -6.143  -9.544  1.000 12.962 0 4   G   A N7    1 
ATOM   80  C C5    . G   A 1 4  ? 6.478   -5.905  -10.817 1.000 11.300 0 4   G   A C5    1 
ATOM   81  C C6    . G   A 1 4  ? 5.247   -6.288  -11.405 1.000 11.920 0 4   G   A C6    1 
ATOM   82  O O6    . G   A 1 4  ? 4.346   -6.957  -10.891 1.000 11.783 0 4   G   A O6    1 
ATOM   83  N N1    . G   A 1 4  ? 5.105   -5.758  -12.679 1.000 11.506 0 4   G   A N1    1 
ATOM   84  C C2    . G   A 1 4  ? 6.041   -5.009  -13.349 1.000 12.804 0 4   G   A C2    1 
ATOM   85  N N2    . G   A 1 4  ? 5.747   -4.577  -14.572 1.000 13.373 0 4   G   A N2    1 
ATOM   86  N N3    . G   A 1 4  ? 7.228   -4.690  -12.826 1.000 12.154 0 4   G   A N3    1 
ATOM   87  C C4    . G   A 1 4  ? 7.347   -5.166  -11.576 1.000 11.243 0 4   G   A C4    1 
ATOM   88  P P     . A   A 1 5  ? 8.958   -0.523  -8.241  1.000 18.723 0 5   A   A P     1 
ATOM   89  O OP1   . A   A 1 5  ? 9.551   0.787   -7.872  1.000 21.875 0 5   A   A OP1   1 
ATOM   90  O OP2   . A   A 1 5  ? 8.221   -1.317  -7.236  1.000 20.056 0 5   A   A OP2   1 
ATOM   91  O "O5'" . A   A 1 5  ? 7.894   -0.295  -9.393  1.000 17.402 0 5   A   A "O5'" 1 
ATOM   92  C "C5'" . A   A 1 5  ? 8.251   0.488   -10.534 1.000 16.515 0 5   A   A "C5'" 1 
ATOM   93  C "C4'" . A   A 1 5  ? 7.056   0.510   -11.444 1.000 15.454 0 5   A   A "C4'" 1 
ATOM   94  O "O4'" . A   A 1 5  ? 6.829   -0.810  -11.968 1.000 14.670 0 5   A   A "O4'" 1 
ATOM   95  C "C3'" . A   A 1 5  ? 5.694   0.813   -10.833 1.000 17.071 0 5   A   A "C3'" 1 
ATOM   96  O "O3'" . A   A 1 5  ? 5.599   2.204   -10.594 1.000 16.695 0 5   A   A "O3'" 1 
ATOM   97  C "C2'" . A   A 1 5  ? 4.777   0.331   -11.950 1.000 14.869 0 5   A   A "C2'" 1 
ATOM   98  O "O2'" . A   A 1 5  ? 4.733   1.175   -13.080 1.000 16.761 0 5   A   A "O2'" 1 
ATOM   99  C "C1'" . A   A 1 5  ? 5.474   -0.992  -12.261 1.000 13.726 0 5   A   A "C1'" 1 
ATOM   100 N N9    . A   A 1 5  ? 4.950   -2.053  -11.426 1.000 14.557 0 5   A   A N9    1 
ATOM   101 C C8    . A   A 1 5  ? 5.435   -2.523  -10.247 1.000 14.599 0 5   A   A C8    1 
ATOM   102 N N7    . A   A 1 5  ? 4.667   -3.427  -9.690  1.000 14.152 0 5   A   A N7    1 
ATOM   103 C C5    . A   A 1 5  ? 3.591   -3.536  -10.546 1.000 13.717 0 5   A   A C5    1 
ATOM   104 C C6    . A   A 1 5  ? 2.430   -4.325  -10.557 1.000 13.805 0 5   A   A C6    1 
ATOM   105 N N6    . A   A 1 5  ? 2.115   -5.189  -9.601  1.000 14.359 0 5   A   A N6    1 
ATOM   106 N N1    . A   A 1 5  ? 1.544   -4.141  -11.562 1.000 14.892 0 5   A   A N1    1 
ATOM   107 C C2    . A   A 1 5  ? 1.851   -3.274  -12.521 1.000 15.923 0 5   A   A C2    1 
ATOM   108 N N3    . A   A 1 5  ? 2.913   -2.498  -12.623 1.000 14.398 0 5   A   A N3    1 
ATOM   109 C C4    . A   A 1 5  ? 3.763   -2.692  -11.619 1.000 13.290 0 5   A   A C4    1 
ATOM   110 P P     . A   A 1 6  ? 4.670   2.735   -9.410  1.000 18.308 0 6   A   A P     1 
ATOM   111 O OP1   . A   A 1 6  ? 4.919   4.212   -9.251  1.000 20.219 0 6   A   A OP1   1 
ATOM   112 O OP2   . A   A 1 6  ? 4.844   1.887   -8.187  1.000 18.834 0 6   A   A OP2   1 
ATOM   113 O "O5'" . A   A 1 6  ? 3.181   2.425   -9.883  1.000 17.086 0 6   A   A "O5'" 1 
ATOM   114 C "C5'" . A   A 1 6  ? 2.686   3.043   -11.070 1.000 18.291 0 6   A   A "C5'" 1 
ATOM   115 C "C4'" . A   A 1 6  ? 1.339   2.472   -11.401 1.000 19.003 0 6   A   A "C4'" 1 
ATOM   116 O "O4'" . A   A 1 6  ? 1.481   1.058   -11.649 1.000 17.881 0 6   A   A "O4'" 1 
ATOM   117 C "C3'" . A   A 1 6  ? 0.287   2.476   -10.308 1.000 18.487 0 6   A   A "C3'" 1 
ATOM   118 O "O3'" . A   A 1 6  ? -0.333  3.738   -10.274 1.000 18.514 0 6   A   A "O3'" 1 
ATOM   119 C "C2'" . A   A 1 6  ? -0.686  1.434   -10.825 1.000 18.807 0 6   A   A "C2'" 1 
ATOM   120 O "O2'" . A   A 1 6  ? -1.386  1.865   -11.953 1.000 19.686 0 6   A   A "O2'" 1 
ATOM   121 C "C1'" . A   A 1 6  ? 0.308   0.365   -11.278 1.000 18.127 0 6   A   A "C1'" 1 
ATOM   122 N N9    . A   A 1 6  ? 0.616   -0.603  -10.238 1.000 17.566 0 6   A   A N9    1 
ATOM   123 C C8    . A   A 1 6  ? 1.684   -0.673  -9.394  1.000 19.675 0 6   A   A C8    1 
ATOM   124 N N7    . A   A 1 6  ? 1.603   -1.663  -8.538  1.000 18.179 0 6   A   A N7    1 
ATOM   125 C C5    . A   A 1 6  ? 0.394   -2.276  -8.833  1.000 17.489 0 6   A   A C5    1 
ATOM   126 C C6    . A   A 1 6  ? -0.275  -3.390  -8.286  1.000 15.722 0 6   A   A C6    1 
ATOM   127 N N6    . A   A 1 6  ? 0.182   -4.104  -7.273  1.000 18.292 0 6   A   A N6    1 
ATOM   128 N N1    . A   A 1 6  ? -1.468  -3.736  -8.814  1.000 15.973 0 6   A   A N1    1 
ATOM   129 C C2    . A   A 1 6  ? -1.948  -2.996  -9.804  1.000 16.416 0 6   A   A C2    1 
ATOM   130 N N3    . A   A 1 6  ? -1.400  -1.934  -10.402 1.000 16.458 0 6   A   A N3    1 
ATOM   131 C C4    . A   A 1 6  ? -0.208  -1.644  -9.884  1.000 16.719 0 6   A   A C4    1 
ATOM   132 P P     . I   A 1 7  ? -1.085  4.198   -8.931  1.000 20.102 0 7   I   A P     1 
ATOM   133 O OP1   . I   A 1 7  ? -1.403  5.654   -9.057  1.000 23.064 0 7   I   A OP1   1 
ATOM   134 O OP2   . I   A 1 7  ? -0.462  3.666   -7.720  1.000 20.888 0 7   I   A OP2   1 
ATOM   135 O "O5'" . I   A 1 7  ? -2.464  3.379   -8.749  1.000 19.204 0 7   I   A "O5'" 1 
ATOM   136 C "C5'" . I   A 1 7  ? -3.483  3.638   -9.616  1.000 17.267 0 7   I   A "C5'" 1 
ATOM   137 C "C4'" . I   A 1 7  ? -4.559  2.550   -9.454  1.000 17.902 0 7   I   A "C4'" 1 
ATOM   138 O "O4'" . I   A 1 7  ? -4.079  1.342   -9.691  1.000 15.548 0 7   I   A "O4'" 1 
ATOM   139 C "C3'" . I   A 1 7  ? -5.163  2.421   -8.025  1.000 15.431 0 7   I   A "C3'" 1 
ATOM   140 O "O3'" . I   A 1 7  ? -6.035  3.512   -7.749  1.000 15.387 0 7   I   A "O3'" 1 
ATOM   141 C "C2'" . I   A 1 7  ? -5.926  1.139   -8.206  1.000 14.274 0 7   I   A "C2'" 1 
ATOM   142 O "O2'" . I   A 1 7  ? -7.001  1.400   -9.161  1.000 14.865 0 7   I   A "O2'" 1 
ATOM   143 C "C1'" . I   A 1 7  ? -4.844  0.394   -8.919  1.000 14.236 0 7   I   A "C1'" 1 
ATOM   144 N N9    . I   A 1 7  ? -3.977  -0.332  -8.076  1.000 14.329 0 7   I   A N9    1 
ATOM   145 C C8    . I   A 1 7  ? -2.728  -0.008  -7.696  1.000 15.853 0 7   I   A C8    1 
ATOM   146 N N7    . I   A 1 7  ? -2.286  -0.940  -6.891  1.000 16.157 0 7   I   A N7    1 
ATOM   147 C C5    . I   A 1 7  ? -3.197  -1.876  -6.763  1.000 13.572 0 7   I   A C5    1 
ATOM   148 C C6    . I   A 1 7  ? -3.217  -3.067  -6.068  1.000 13.579 0 7   I   A C6    1 
ATOM   149 O O6    . I   A 1 7  ? -2.281  -3.544  -5.383  1.000 16.113 0 7   I   A O6    1 
ATOM   150 N N1    . I   A 1 7  ? -4.362  -3.790  -6.165  1.000 14.127 0 7   I   A N1    1 
ATOM   151 C C2    . I   A 1 7  ? -5.455  -3.368  -6.947  1.000 14.443 0 7   I   A C2    1 
ATOM   152 N N3    . I   A 1 7  ? -5.419  -2.179  -7.648  1.000 15.512 0 7   I   A N3    1 
ATOM   153 C C4    . I   A 1 7  ? -4.266  -1.480  -7.528  1.000 14.260 0 7   I   A C4    1 
ATOM   154 P P     . A   A 1 8  ? -6.472  3.851   -6.242  1.000 18.320 0 8   A   A P     1 
ATOM   155 O OP1   . A   A 1 8  ? -7.267  5.100   -6.388  1.000 18.647 0 8   A   A OP1   1 
ATOM   156 O OP2   . A   A 1 8  ? -5.317  3.781   -5.308  1.000 19.141 0 8   A   A OP2   1 
ATOM   157 O "O5'" . A   A 1 8  ? -7.440  2.688   -5.794  1.000 18.226 0 8   A   A "O5'" 1 
ATOM   158 C "C5'" . A   A 1 8  ? -8.706  2.489   -6.448  1.000 18.430 0 8   A   A "C5'" 1 
ATOM   159 C "C4'" . A   A 1 8  ? -9.291  1.173   -5.981  1.000 18.497 0 8   A   A "C4'" 1 
ATOM   160 O "O4'" . A   A 1 8  ? -8.409  0.068   -6.322  1.000 18.713 0 8   A   A "O4'" 1 
ATOM   161 C "C3'" . A   A 1 8  ? -9.430  1.003   -4.473  1.000 18.269 0 8   A   A "C3'" 1 
ATOM   162 O "O3'" . A   A 1 8  ? -10.603 1.692   -4.100  1.000 19.098 0 8   A   A "O3'" 1 
ATOM   163 C "C2'" . A   A 1 8  ? -9.611  -0.504  -4.382  1.000 17.852 0 8   A   A "C2'" 1 
ATOM   164 O "O2'" . A   A 1 8  ? -10.857 -0.968  -4.844  1.000 22.348 0 8   A   A "O2'" 1 
ATOM   165 C "C1'" . A   A 1 8  ? -8.498  -0.918  -5.319  1.000 17.955 0 8   A   A "C1'" 1 
ATOM   166 N N9    . A   A 1 8  ? -7.199  -1.011  -4.684  1.000 15.400 0 8   A   A N9    1 
ATOM   167 C C8    . A   A 1 8  ? -6.170  -0.113  -4.742  1.000 16.614 0 8   A   A C8    1 
ATOM   168 N N7    . A   A 1 8  ? -5.090  -0.520  -4.123  1.000 18.100 0 8   A   A N7    1 
ATOM   169 C C5    . A   A 1 8  ? -5.451  -1.770  -3.646  1.000 13.847 0 8   A   A C5    1 
ATOM   170 C C6    . A   A 1 8  ? -4.745  -2.748  -2.928  1.000 13.642 0 8   A   A C6    1 
ATOM   171 N N6    . A   A 1 8  ? -3.502  -2.568  -2.558  1.000 16.494 0 8   A   A N6    1 
ATOM   172 N N1    . A   A 1 8  ? -5.424  -3.856  -2.572  1.000 16.167 0 8   A   A N1    1 
ATOM   173 C C2    . A   A 1 8  ? -6.672  -4.028  -2.975  1.000 18.106 0 8   A   A C2    1 
ATOM   174 N N3    . A   A 1 8  ? -7.429  -3.199  -3.675  1.000 17.937 0 8   A   A N3    1 
ATOM   175 C C4    . A   A 1 8  ? -6.742  -2.099  -3.980  1.000 15.971 0 8   A   A C4    1 
ATOM   176 P P     . U   A 1 9  ? -10.660 2.344   -2.644  1.000 20.001 0 9   U   A P     1 
ATOM   177 O OP1   . U   A 1 9  ? -11.933 3.127   -2.569  1.000 25.785 0 9   U   A OP1   1 
ATOM   178 O OP2   . U   A 1 9  ? -9.426  2.974   -2.186  1.000 18.937 0 9   U   A OP2   1 
ATOM   179 O "O5'" . U   A 1 9  ? -10.823 1.158   -1.605  1.000 20.125 0 9   U   A "O5'" 1 
ATOM   180 C "C5'" . U   A 1 9  ? -11.960 0.316   -1.739  1.000 20.087 0 9   U   A "C5'" 1 
ATOM   181 C "C4'" . U   A 1 9  ? -11.699 -0.945  -0.961  1.000 22.335 0 9   U   A "C4'" 1 
ATOM   182 O "O4'" . U   A 1 9  ? -10.614 -1.701  -1.560  1.000 21.800 0 9   U   A "O4'" 1 
ATOM   183 C "C3'" . U   A 1 9  ? -11.214 -0.729  0.475   1.000 22.911 0 9   U   A "C3'" 1 
ATOM   184 O "O3'" . U   A 1 9  ? -12.318 -0.313  1.251   1.000 23.752 0 9   U   A "O3'" 1 
ATOM   185 C "C2'" . U   A 1 9  ? -10.679 -2.123  0.780   1.000 23.640 0 9   U   A "C2'" 1 
ATOM   186 O "O2'" . U   A 1 9  ? -11.708 -3.069  0.971   1.000 26.508 0 9   U   A "O2'" 1 
ATOM   187 C "C1'" . U   A 1 9  ? -9.907  -2.367  -0.519  1.000 21.809 0 9   U   A "C1'" 1 
ATOM   188 N N1    . U   A 1 9  ? -8.520  -1.862  -0.465  1.000 19.220 0 9   U   A N1    1 
ATOM   189 C C2    . U   A 1 9  ? -7.585  -2.670  0.162   1.000 17.931 0 9   U   A C2    1 
ATOM   190 O O2    . U   A 1 9  ? -7.905  -3.753  0.640   1.000 24.093 0 9   U   A O2    1 
ATOM   191 N N3    . U   A 1 9  ? -6.317  -2.170  0.170   1.000 17.738 0 9   U   A N3    1 
ATOM   192 C C4    . U   A 1 9  ? -5.888  -0.969  -0.340  1.000 15.192 0 9   U   A C4    1 
ATOM   193 O O4    . U   A 1 9  ? -4.709  -0.646  -0.327  1.000 17.650 0 9   U   A O4    1 
ATOM   194 C C5    . U   A 1 9  ? -6.910  -0.184  -0.944  1.000 16.033 0 9   U   A C5    1 
ATOM   195 C C6    . U   A 1 9  ? -8.157  -0.643  -0.969  1.000 17.179 0 9   U   A C6    1 
HETATM 196 P P     . RSP A 1 10 ? -12.122 0.628   2.533   1.000 26.357 0 10  RSP A P     1 
HETATM 197 N N1    . RSP A 1 10 ? -7.924  -2.057  4.177   1.000 18.346 0 10  RSP A N1    1 
HETATM 198 C C2    . RSP A 1 10 ? -6.545  -2.317  4.431   1.000 16.706 0 10  RSP A C2    1 
HETATM 199 S S2    . RSP A 1 10 ? -6.146  -3.538  5.396   1.000 18.583 0 10  RSP A S2    1 
HETATM 200 N N3    . RSP A 1 10 ? -5.517  -1.504  3.840   1.000 15.885 0 10  RSP A N3    1 
HETATM 201 C C4    . RSP A 1 10 ? -5.882  -0.421  3.065   1.000 16.475 0 10  RSP A C4    1 
HETATM 202 N N4    . RSP A 1 10 ? -4.860  0.320   2.528   1.000 15.556 0 10  RSP A N4    1 
HETATM 203 C C5    . RSP A 1 10 ? -7.274  -0.119  2.792   1.000 18.311 0 10  RSP A C5    1 
HETATM 204 C C6    . RSP A 1 10 ? -8.288  -0.977  3.373   1.000 19.144 0 10  RSP A C6    1 
HETATM 205 C "C1'" . RSP A 1 10 ? -8.900  -2.974  4.748   1.000 18.422 0 10  RSP A "C1'" 1 
HETATM 206 C "C2'" . RSP A 1 10 ? -9.244  -2.604  6.177   1.000 20.333 0 10  RSP A "C2'" 1 
HETATM 207 O "O2'" . RSP A 1 10 ? -9.623  -3.736  6.844   1.000 22.707 0 10  RSP A "O2'" 1 
HETATM 208 C "C3'" . RSP A 1 10 ? -10.360 -1.622  5.960   1.000 21.239 0 10  RSP A "C3'" 1 
HETATM 209 O "O3'" . RSP A 1 10 ? -11.079 -1.381  7.176   1.000 23.952 0 10  RSP A "O3'" 1 
HETATM 210 C "C4'" . RSP A 1 10 ? -11.101 -2.254  4.970   1.000 22.418 0 10  RSP A "C4'" 1 
HETATM 211 O "O4'" . RSP A 1 10 ? -10.050 -2.917  3.965   1.000 21.588 0 10  RSP A "O4'" 1 
HETATM 212 C "C5'" . RSP A 1 10 ? -12.042 -1.437  4.110   1.000 25.348 0 10  RSP A "C5'" 1 
HETATM 213 O "O5'" . RSP A 1 10 ? -11.391 -0.299  3.616   1.000 24.771 0 10  RSP A "O5'" 1 
HETATM 214 O OP1   . RSP A 1 10 ? -13.495 0.913   3.037   1.000 29.121 0 10  RSP A OP1   1 
HETATM 215 O OP2   . RSP A 1 10 ? -11.144 1.730   2.360   1.000 25.208 0 10  RSP A OP2   1 
ATOM   216 P P     . U   A 1 11 ? -10.767 -0.075  8.054   1.000 24.946 0 11  U   A P     1 
ATOM   217 O OP1   . U   A 1 11 ? -11.776 0.005   9.164   1.000 27.542 0 11  U   A OP1   1 
ATOM   218 O OP2   . U   A 1 11 ? -10.322 1.157   7.340   1.000 27.342 0 11  U   A OP2   1 
ATOM   219 O "O5'" . U   A 1 11 ? -9.369  -0.393  8.750   1.000 21.184 0 11  U   A "O5'" 1 
ATOM   220 C "C5'" . U   A 1 11 ? -9.273  -1.557  9.568   1.000 21.772 0 11  U   A "C5'" 1 
ATOM   221 C "C4'" . U   A 1 11 ? -7.803  -1.865  9.702   1.000 18.856 0 11  U   A "C4'" 1 
ATOM   222 O "O4'" . U   A 1 11 ? -7.189  -1.948  8.397   1.000 20.024 0 11  U   A "O4'" 1 
ATOM   223 C "C3'" . U   A 1 11 ? -6.947  -0.752  10.311  1.000 18.946 0 11  U   A "C3'" 1 
ATOM   224 O "O3'" . U   A 1 11 ? -7.101  -0.672  11.714  1.000 19.182 0 11  U   A "O3'" 1 
ATOM   225 C "C2'" . U   A 1 11 ? -5.561  -1.258  9.954   1.000 19.765 0 11  U   A "C2'" 1 
ATOM   226 O "O2'" . U   A 1 11 ? -5.267  -2.430  10.676  1.000 22.160 0 11  U   A "O2'" 1 
ATOM   227 C "C1'" . U   A 1 11 ? -5.809  -1.657  8.506   1.000 18.121 0 11  U   A "C1'" 1 
ATOM   228 N N1    . U   A 1 11 ? -5.466  -0.616  7.560   1.000 18.869 0 11  U   A N1    1 
ATOM   229 C C2    . U   A 1 11 ? -4.118  -0.502  7.265   1.000 16.800 0 11  U   A C2    1 
ATOM   230 O O2    . U   A 1 11 ? -3.291  -1.209  7.791   1.000 17.508 0 11  U   A O2    1 
ATOM   231 N N3    . U   A 1 11 ? -3.824  0.457   6.371   1.000 16.489 0 11  U   A N3    1 
ATOM   232 C C4    . U   A 1 11 ? -4.680  1.304   5.740   1.000 16.598 0 11  U   A C4    1 
ATOM   233 O O4    . U   A 1 11 ? -4.234  2.123   4.947   1.000 18.741 0 11  U   A O4    1 
ATOM   234 C C5    . U   A 1 11 ? -6.051  1.126   6.074   1.000 19.833 0 11  U   A C5    1 
ATOM   235 C C6    . U   A 1 11 ? -6.385  0.211   6.993   1.000 18.992 0 11  U   A C6    1 
ATOM   236 P P     . U   A 1 12 ? -6.813  0.707   12.482  1.000 18.780 0 12  U   A P     1 
ATOM   237 O OP1   . U   A 1 12 ? -7.513  0.420   13.744  1.000 20.150 0 12  U   A OP1   1 
ATOM   238 O OP2   . U   A 1 12 ? -7.152  1.898   11.677  1.000 18.511 0 12  U   A OP2   1 
ATOM   239 O "O5'" . U   A 1 12 ? -5.231  0.720   12.681  1.000 15.651 0 12  U   A "O5'" 1 
ATOM   240 C "C5'" . U   A 1 12 ? -4.594  -0.267  13.518  1.000 15.456 0 12  U   A "C5'" 1 
ATOM   241 C "C4'" . U   A 1 12 ? -3.147  0.097   13.538  1.000 15.862 0 12  U   A "C4'" 1 
ATOM   242 O "O4'" . U   A 1 12 ? -2.587  -0.113  12.223  1.000 15.540 0 12  U   A "O4'" 1 
ATOM   243 C "C3'" . U   A 1 12 ? -2.848  1.571   13.774  1.000 15.458 0 12  U   A "C3'" 1 
ATOM   244 O "O3'" . U   A 1 12 ? -2.916  1.863   15.163  1.000 15.921 0 12  U   A "O3'" 1 
ATOM   245 C "C2'" . U   A 1 12 ? -1.426  1.664   13.270  1.000 14.371 0 12  U   A "C2'" 1 
ATOM   246 O "O2'" . U   A 1 12 ? -0.538  0.974   14.125  1.000 15.128 0 12  U   A "O2'" 1 
ATOM   247 C "C1'" . U   A 1 12 ? -1.576  0.849   11.995  1.000 15.061 0 12  U   A "C1'" 1 
ATOM   248 N N1    . U   A 1 12 ? -1.975  1.656   10.820  1.000 14.215 0 12  U   A N1    1 
ATOM   249 C C2    . U   A 1 12 ? -0.962  2.248   10.107  1.000 16.180 0 12  U   A C2    1 
ATOM   250 O O2    . U   A 1 12 ? 0.201   2.248   10.492  1.000 16.790 0 12  U   A O2    1 
ATOM   251 N N3    . U   A 1 12 ? -1.359  2.925   8.995   1.000 15.852 0 12  U   A N3    1 
ATOM   252 C C4    . U   A 1 12 ? -2.629  2.980   8.477   1.000 15.923 0 12  U   A C4    1 
ATOM   253 O O4    . U   A 1 12 ? -2.822  3.577   7.434   1.000 15.887 0 12  U   A O4    1 
ATOM   254 C C5    . U   A 1 12 ? -3.620  2.326   9.251   1.000 14.626 0 12  U   A C5    1 
ATOM   255 C C6    . U   A 1 12 ? -3.276  1.681   10.380  1.000 15.167 0 12  U   A C6    1 
ATOM   256 P P     . C   A 1 13 ? -3.362  3.313   15.614  1.000 15.019 0 13  C   A P     1 
ATOM   257 O OP1   . C   A 1 13 ? -3.618  3.170   17.094  1.000 16.791 0 13  C   A OP1   1 
ATOM   258 O OP2   . C   A 1 13 ? -4.472  3.847   14.772  1.000 16.957 0 13  C   A OP2   1 
ATOM   259 O "O5'" . C   A 1 13 ? -2.145  4.292   15.303  1.000 14.597 0 13  C   A "O5'" 1 
ATOM   260 C "C5'" . C   A 1 13 ? -0.966  4.112   16.059  1.000 15.070 0 13  C   A "C5'" 1 
ATOM   261 C "C4'" . C   A 1 13 ? 0.117   4.903   15.383  1.000 14.423 0 13  C   A "C4'" 1 
ATOM   262 O "O4'" . C   A 1 13 ? 0.322   4.421   14.046  1.000 13.951 0 13  C   A "O4'" 1 
ATOM   263 C "C3'" . C   A 1 13 ? -0.141  6.400   15.165  1.000 13.879 0 13  C   A "C3'" 1 
ATOM   264 O "O3'" . C   A 1 13 ? 0.044   7.113   16.370  1.000 13.334 0 13  C   A "O3'" 1 
ATOM   265 C "C2'" . C   A 1 13 ? 0.992   6.687   14.175  1.000 13.040 0 13  C   A "C2'" 1 
ATOM   266 O "O2'" . C   A 1 13 ? 2.288   6.699   14.755  1.000 13.514 0 13  C   A "O2'" 1 
ATOM   267 C "C1'" . C   A 1 13 ? 0.855   5.472   13.263  1.000 13.243 0 13  C   A "C1'" 1 
ATOM   268 N N1    . C   A 1 13 ? -0.067  5.743   12.132  1.000 12.372 0 13  C   A N1    1 
ATOM   269 C C2    . C   A 1 13 ? 0.449   6.419   11.010  1.000 12.195 0 13  C   A C2    1 
ATOM   270 O O2    . C   A 1 13 ? 1.586   6.912   11.083  1.000 13.998 0 13  C   A O2    1 
ATOM   271 N N3    . C   A 1 13 ? -0.362  6.704   9.994   1.000 12.610 0 13  C   A N3    1 
ATOM   272 C C4    . C   A 1 13 ? -1.605  6.225   9.976   1.000 12.703 0 13  C   A C4    1 
ATOM   273 N N4    . C   A 1 13 ? -2.343  6.422   8.907   1.000 12.951 0 13  C   A N4    1 
ATOM   274 C C5    . C   A 1 13 ? -2.159  5.517   11.080  1.000 13.285 0 13  C   A C5    1 
ATOM   275 C C6    . C   A 1 13 ? -1.340  5.265   12.110  1.000 12.556 0 13  C   A C6    1 
ATOM   276 P P     . U   A 1 14 ? -0.740  8.462   16.649  1.000 13.237 0 14  U   A P     1 
ATOM   277 O OP1   . U   A 1 14 ? -0.489  8.848   18.054  1.000 15.264 0 14  U   A OP1   1 
ATOM   278 O OP2   . U   A 1 14 ? -2.087  8.266   16.186  1.000 13.069 0 14  U   A OP2   1 
ATOM   279 O "O5'" . U   A 1 14 ? -0.138  9.554   15.656  1.000 12.011 0 14  U   A "O5'" 1 
ATOM   280 C "C5'" . U   A 1 14 ? 1.186   10.003  15.965  1.000 12.224 0 14  U   A "C5'" 1 
ATOM   281 C "C4'" . U   A 1 14 ? 1.721   10.763  14.781  1.000 11.314 0 14  U   A "C4'" 1 
ATOM   282 O "O4'" . U   A 1 14 ? 1.698   9.955   13.589  1.000 11.042 0 14  U   A "O4'" 1 
ATOM   283 C "C3'" . U   A 1 14 ? 0.977   12.042  14.360  1.000 10.915 0 14  U   A "C3'" 1 
ATOM   284 O "O3'" . U   A 1 14 ? 1.332   13.093  15.200  1.000 11.053 0 14  U   A "O3'" 1 
ATOM   285 C "C2'" . U   A 1 14 ? 1.542   12.214  12.955  1.000 9.864  0 14  U   A "C2'" 1 
ATOM   286 O "O2'" . U   A 1 14 ? 2.882   12.636  13.047  1.000 10.321 0 14  U   A "O2'" 1 
ATOM   287 C "C1'" . U   A 1 14 ? 1.464   10.791  12.459  1.000 10.041 0 14  U   A "C1'" 1 
ATOM   288 N N1    . U   A 1 14 ? 0.162   10.414  11.882  1.000 10.184 0 14  U   A N1    1 
ATOM   289 C C2    . U   A 1 14 ? -0.050  10.823  10.569  1.000 9.629  0 14  U   A C2    1 
ATOM   290 O O2    . U   A 1 14 ? 0.755   11.477  9.939   1.000 10.227 0 14  U   A O2    1 
ATOM   291 N N3    . U   A 1 14 ? -1.192  10.362  9.984   1.000 8.842  0 14  U   A N3    1 
ATOM   292 C C4    . U   A 1 14 ? -2.147  9.603   10.604  1.000 10.154 0 14  U   A C4    1 
ATOM   293 O O4    . U   A 1 14 ? -3.171  9.297   9.998   1.000 11.299 0 14  U   A O4    1 
ATOM   294 C C5    . U   A 1 14 ? -1.874  9.246   11.964  1.000 10.059 0 14  U   A C5    1 
ATOM   295 C C6    . U   A 1 14 ? -0.764  9.679   12.549  1.000 10.813 0 14  U   A C6    1 
ATOM   296 P P     . C   A 1 15 ? 0.383   14.347  15.428  1.000 12.776 0 15  C   A P     1 
ATOM   297 O OP1   . C   A 1 15 ? 1.005   15.141  16.519  1.000 14.997 0 15  C   A OP1   1 
ATOM   298 O OP2   . C   A 1 15 ? -1.047  13.990  15.448  1.000 14.964 0 15  C   A OP2   1 
ATOM   299 O "O5'" . C   A 1 15 ? 0.493   15.230  14.102  1.000 11.647 0 15  C   A "O5'" 1 
ATOM   300 C "C5'" . C   A 1 15 ? 1.748   15.846  13.752  1.000 11.874 0 15  C   A "C5'" 1 
ATOM   301 C "C4'" . C   A 1 15 ? 1.655   16.334  12.332  1.000 11.022 0 15  C   A "C4'" 1 
ATOM   302 O "O4'" . C   A 1 15 ? 1.438   15.233  11.447  1.000 10.860 0 15  C   A "O4'" 1 
ATOM   303 C "C3'" . C   A 1 15 ? 0.522   17.287  12.004  1.000 10.878 0 15  C   A "C3'" 1 
ATOM   304 O "O3'" . C   A 1 15 ? 0.855   18.593  12.395  1.000 12.775 0 15  C   A "O3'" 1 
ATOM   305 C "C2'" . C   A 1 15 ? 0.488   17.154  10.503  1.000 11.009 0 15  C   A "C2'" 1 
ATOM   306 O "O2'" . C   A 1 15 ? 1.605   17.749  9.885   1.000 12.130 0 15  C   A "O2'" 1 
ATOM   307 C "C1'" . C   A 1 15 ? 0.620   15.655  10.353  1.000 10.096 0 15  C   A "C1'" 1 
ATOM   308 N N1    . C   A 1 15 ? -0.671  14.933  10.417  1.000 9.378  0 15  C   A N1    1 
ATOM   309 C C2    . C   A 1 15 ? -1.407  14.834  9.252   1.000 9.903  0 15  C   A C2    1 
ATOM   310 O O2    . C   A 1 15 ? -1.044  15.485  8.255   1.000 9.769  0 15  C   A O2    1 
ATOM   311 N N3    . C   A 1 15 ? -2.491  14.044  9.262   1.000 9.107  0 15  C   A N3    1 
ATOM   312 C C4    . C   A 1 15 ? -2.838  13.345  10.337  1.000 9.805  0 15  C   A C4    1 
ATOM   313 N N4    . C   A 1 15 ? -3.900  12.562  10.255  1.000 10.683 0 15  C   A N4    1 
ATOM   314 C C5    . C   A 1 15 ? -2.128  13.481  11.538  1.000 9.643  0 15  C   A C5    1 
ATOM   315 C C6    . C   A 1 15 ? -1.052  14.262  11.526  1.000 9.693  0 15  C   A C6    1 
ATOM   316 P P     . U   A 1 16 ? -0.266  19.533  12.985  1.000 13.298 0 16  U   A P     1 
ATOM   317 O OP1   . U   A 1 16 ? 0.509   20.761  13.361  1.000 14.336 0 16  U   A OP1   1 
ATOM   318 O OP2   . U   A 1 16 ? -1.103  18.798  13.948  1.000 13.646 0 16  U   A OP2   1 
ATOM   319 O "O5'" . U   A 1 16 ? -1.249  19.851  11.748  1.000 11.233 0 16  U   A "O5'" 1 
ATOM   320 C "C5'" . U   A 1 16 ? -0.678  20.622  10.663  1.000 11.515 0 16  U   A "C5'" 1 
ATOM   321 C "C4'" . U   A 1 16 ? -1.636  20.591  9.511   1.000 11.097 0 16  U   A "C4'" 1 
ATOM   322 O "O4'" . U   A 1 16 ? -1.767  19.249  9.014   1.000 9.695  0 16  U   A "O4'" 1 
ATOM   323 C "C3'" . U   A 1 16 ? -3.070  20.992  9.823   1.000 10.260 0 16  U   A "C3'" 1 
ATOM   324 O "O3'" . U   A 1 16 ? -3.247  22.398  9.862   1.000 12.498 0 16  U   A "O3'" 1 
ATOM   325 C "C2'" . U   A 1 16 ? -3.818  20.336  8.675   1.000 10.710 0 16  U   A "C2'" 1 
ATOM   326 O "O2'" . U   A 1 16 ? -3.679  21.101  7.481   1.000 12.609 0 16  U   A "O2'" 1 
ATOM   327 C "C1'" . U   A 1 16 ? -3.072  19.026  8.509   1.000 9.572  0 16  U   A "C1'" 1 
ATOM   328 N N1    . U   A 1 16 ? -3.677  17.945  9.287   1.000 8.964  0 16  U   A N1    1 
ATOM   329 C C2    . U   A 1 16 ? -4.734  17.303  8.689   1.000 9.434  0 16  U   A C2    1 
ATOM   330 O O2    . U   A 1 16 ? -5.101  17.600  7.574   1.000 10.107 0 16  U   A O2    1 
ATOM   331 N N3    . U   A 1 16 ? -5.271  16.282  9.406   1.000 8.544  0 16  U   A N3    1 
ATOM   332 C C4    . U   A 1 16 ? -4.954  15.928  10.676  1.000 9.120  0 16  U   A C4    1 
ATOM   333 O O4    . U   A 1 16 ? -5.559  15.024  11.238  1.000 10.511 0 16  U   A O4    1 
ATOM   334 C C5    . U   A 1 16 ? -3.873  16.667  11.277  1.000 8.972  0 16  U   A C5    1 
ATOM   335 C C6    . U   A 1 16 ? -3.312  17.653  10.566  1.000 8.485  0 16  U   A C6    1 
HETATM 336 O O     . HOH B 2 .  ? -3.020  -2.701  9.302   1.000 38.340 0 101 HOH A O     1 
HETATM 337 O O     . HOH B 2 .  ? 0.924   -17.444 -8.048  1.000 41.184 0 102 HOH A O     1 
HETATM 338 O O     . HOH B 2 .  ? -8.401  -6.008  0.295   0.500 29.228 0 103 HOH A O     1 
HETATM 339 O O     . HOH B 2 .  ? -11.847 -4.040  7.817   1.000 41.250 0 104 HOH A O     1 
HETATM 340 O O     . HOH B 2 .  ? -5.406  8.383   10.454  1.000 21.068 0 105 HOH A O     1 
HETATM 341 O O     . HOH B 2 .  ? -1.792  9.530   20.088  1.000 27.400 0 106 HOH A O     1 
HETATM 342 O O     . HOH B 2 .  ? 4.856   -10.022 -7.104  1.000 13.825 0 107 HOH A O     1 
HETATM 343 O O     . HOH B 2 .  ? -3.517  10.179  15.267  1.000 33.872 0 108 HOH A O     1 
HETATM 344 O O     . HOH B 2 .  ? 7.048   5.241   -10.247 1.000 29.268 0 109 HOH A O     1 
HETATM 345 O O     . HOH B 2 .  ? -9.763  -4.119  -4.276  1.000 36.662 0 110 HOH A O     1 
HETATM 346 O O     . HOH B 2 .  ? 10.038  -18.291 -5.510  1.000 24.644 0 111 HOH A O     1 
HETATM 347 O O     . HOH B 2 .  ? -5.399  14.034  13.620  1.000 19.578 0 112 HOH A O     1 
HETATM 348 O O     . HOH B 2 .  ? -5.702  23.241  10.135  1.000 23.372 0 113 HOH A O     1 
HETATM 349 O O     . HOH B 2 .  ? -3.881  1.484   -1.598  1.000 39.907 0 114 HOH A O     1 
HETATM 350 O O     . HOH B 2 .  ? 10.961  -2.126  -3.647  1.000 25.942 0 115 HOH A O     1 
HETATM 351 O O     . HOH B 2 .  ? 5.133   -4.118  -7.199  1.000 26.760 0 116 HOH A O     1 
HETATM 352 O O     . HOH B 2 .  ? -0.017  17.968  16.200  1.000 28.285 0 117 HOH A O     1 
HETATM 353 O O     . HOH B 2 .  ? 6.222   -12.872 -0.734  1.000 24.452 0 118 HOH A O     1 
HETATM 354 O O     . HOH B 2 .  ? -0.662  7.423   -7.238  1.000 30.693 0 119 HOH A O     1 
HETATM 355 O O     . HOH B 2 .  ? -6.563  -3.551  12.690  1.000 23.487 0 120 HOH A O     1 
HETATM 356 O O     . HOH B 2 .  ? 7.249   -3.622  -6.360  1.000 32.388 0 121 HOH A O     1 
HETATM 357 O O     . HOH B 2 .  ? 3.840   16.410  9.380   1.000 24.783 0 122 HOH A O     1 
HETATM 358 O O     . HOH B 2 .  ? 11.855  0.758   -6.553  1.000 45.376 0 123 HOH A O     1 
HETATM 359 O O     . HOH B 2 .  ? 2.976   7.299   17.260  0.330 15.043 0 124 HOH A O     1 
HETATM 360 O O     . HOH B 2 .  ? 4.254   -13.749 -7.536  1.000 23.381 0 125 HOH A O     1 
HETATM 361 O O     . HOH B 2 .  ? 6.907   -6.577  -6.897  1.000 25.496 0 126 HOH A O     1 
HETATM 362 O O     . HOH B 2 .  ? 1.787   1.921   15.098  1.000 25.733 0 127 HOH A O     1 
HETATM 363 O O     . HOH B 2 .  ? 10.222  -17.642 -8.023  1.000 24.543 0 128 HOH A O     1 
HETATM 364 O O     . HOH B 2 .  ? -6.758  2.912   -2.563  1.000 27.943 0 129 HOH A O     1 
HETATM 365 O O     . HOH B 2 .  ? 3.422   -16.298 -1.452  1.000 25.322 0 130 HOH A O     1 
HETATM 366 O O     . HOH B 2 .  ? 5.560   -11.485 -5.450  1.000 22.069 0 131 HOH A O     1 
HETATM 367 O O     . HOH B 2 .  ? -3.062  12.402  14.590  1.000 31.059 0 132 HOH A O     1 
HETATM 368 O O     . HOH B 2 .  ? 13.941  -3.947  -5.034  1.000 37.497 0 133 HOH A O     1 
HETATM 369 O O     . HOH B 2 .  ? -5.824  19.411  5.673   1.000 30.983 0 134 HOH A O     1 
HETATM 370 O O     . HOH B 2 .  ? 5.510   3.788   -13.092 1.000 32.481 0 135 HOH A O     1 
HETATM 371 O O     . HOH B 2 .  ? -10.582 -5.495  1.566   1.000 35.934 0 136 HOH A O     1 
HETATM 372 O O     . HOH B 2 .  ? 2.615   2.704   11.704  1.000 36.889 0 137 HOH A O     1 
HETATM 373 O O     . HOH B 2 .  ? 3.189   -2.225  -6.367  1.000 33.759 0 138 HOH A O     1 
HETATM 374 O O     . HOH B 2 .  ? 3.989   -7.993  -8.369  1.000 19.464 0 139 HOH A O     1 
HETATM 375 O O     . HOH B 2 .  ? -9.066  2.407   0.690   1.000 30.490 0 140 HOH A O     1 
HETATM 376 O O     . HOH B 2 .  ? 12.688  -12.883 -8.564  1.000 22.457 0 141 HOH A O     1 
HETATM 377 O O     . HOH B 2 .  ? -2.553  16.504  14.465  1.000 25.056 0 142 HOH A O     1 
HETATM 378 O O     . HOH B 2 .  ? 3.789   -13.339 -11.204 1.000 19.559 0 143 HOH A O     1 
HETATM 379 O O     . HOH B 2 .  ? 11.667  -7.867  -11.415 1.000 16.287 0 144 HOH A O     1 
HETATM 380 O O     . HOH B 2 .  ? -4.581  5.314   6.164   1.000 30.619 0 145 HOH A O     1 
HETATM 381 O O     . HOH B 2 .  ? -2.961  -0.526  -12.223 1.000 27.057 0 146 HOH A O     1 
HETATM 382 O O     . HOH B 2 .  ? 2.737   -0.511  -14.564 1.000 33.002 0 147 HOH A O     1 
HETATM 383 O O     . HOH B 2 .  ? 9.192   -5.002  -14.780 1.000 26.336 0 148 HOH A O     1 
HETATM 384 O O     . HOH B 2 .  ? -5.354  4.141   12.131  1.000 22.245 0 149 HOH A O     1 
HETATM 385 O O     . HOH B 2 .  ? -3.094  6.416   -11.155 0.330 26.264 0 150 HOH A O     1 
HETATM 386 O O     . HOH B 2 .  ? 5.530   -10.591 -1.892  1.000 26.891 0 151 HOH A O     1 
HETATM 387 O O     . HOH B 2 .  ? 1.578   20.681  15.961  1.000 37.694 0 152 HOH A O     1 
HETATM 388 O O     . HOH B 2 .  ? 4.603   13.647  15.033  1.000 17.304 0 153 HOH A O     1 
HETATM 389 O O     . HOH B 2 .  ? 0.195   -0.492  -5.632  1.000 34.500 0 154 HOH A O     1 
HETATM 390 O O     . HOH B 2 .  ? 2.153   9.197   18.980  0.330 19.091 0 155 HOH A O     1 
HETATM 391 O O     . HOH B 2 .  ? -8.593  3.557   -10.067 1.000 26.952 0 156 HOH A O     1 
HETATM 392 O O     . HOH B 2 .  ? 5.403   -0.689  -7.129  1.000 26.650 0 157 HOH A O     1 
HETATM 393 O O     . HOH B 2 .  ? -3.287  1.679   -4.390  1.000 42.962 0 158 HOH A O     1 
HETATM 394 O O     . HOH B 2 .  ? -7.531  6.725   -4.054  1.000 37.096 0 159 HOH A O     1 
HETATM 395 O O     . HOH B 2 .  ? -3.704  6.939   14.220  1.000 22.669 0 160 HOH A O     1 
HETATM 396 O O     . HOH B 2 .  ? -5.967  2.611   1.197   1.000 33.090 0 161 HOH A O     1 
HETATM 397 O O     . HOH B 2 .  ? -2.241  4.452   -12.933 0.330 20.070 0 162 HOH A O     1 
HETATM 398 O O     . HOH B 2 .  ? -6.672  3.243   9.152   1.000 30.699 0 163 HOH A O     1 
HETATM 399 O O     . HOH B 2 .  ? 0.381   -3.110  -4.288  1.000 35.156 0 164 HOH A O     1 
HETATM 400 O O     . HOH B 2 .  ? -4.672  11.370  12.816  1.000 21.205 0 165 HOH A O     1 
HETATM 401 O O     . HOH B 2 .  ? 5.753   -8.581  -5.425  1.000 19.989 0 166 HOH A O     1 
HETATM 402 O O     . HOH B 2 .  ? 12.124  -5.671  -2.560  1.000 27.377 0 167 HOH A O     1 
HETATM 403 O O     . HOH B 2 .  ? -8.504  -6.379  6.123   1.000 36.974 0 168 HOH A O     1 
HETATM 404 O O     . HOH B 2 .  ? 7.507   2.445   -6.508  1.000 37.056 0 169 HOH A O     1 
HETATM 405 O O     . HOH B 2 .  ? 3.967   -11.439 -8.480  1.000 26.401 0 170 HOH A O     1 
HETATM 406 O O     . HOH B 2 .  ? -5.176  5.589   9.409   1.000 24.205 0 171 HOH A O     1 
HETATM 407 O O     . HOH B 2 .  ? -12.882 -2.669  -3.388  1.000 49.425 0 172 HOH A O     1 
HETATM 408 O O     . HOH B 2 .  ? 3.088   -15.870 -13.635 1.000 30.386 0 173 HOH A O     1 
HETATM 409 O O     . HOH B 2 .  ? 3.675   -5.606  -6.978  1.000 31.877 0 174 HOH A O     1 
HETATM 410 O O     . HOH B 2 .  ? 4.274   4.309   14.554  0.330 30.789 0 175 HOH A O     1 
HETATM 411 O O     . HOH B 2 .  ? -1.146  1.928   -15.219 0.330 31.456 0 176 HOH A O     1 
HETATM 412 O O     . HOH B 2 .  ? -6.255  4.731   18.275  1.000 31.570 0 177 HOH A O     1 
HETATM 413 O O     . HOH B 2 .  ? 12.622  -16.008 -8.077  1.000 40.951 0 178 HOH A O     1 
HETATM 414 O O     . HOH B 2 .  ? 5.204   -8.411  -0.772  1.000 29.801 0 179 HOH A O     1 
HETATM 415 O O     . HOH B 2 .  ? -5.323  3.817   -0.907  1.000 42.250 0 180 HOH A O     1 
HETATM 416 O O     . HOH B 2 .  ? 3.068   -10.622 -2.393  1.000 34.286 0 181 HOH A O     1 
HETATM 417 O O     . HOH B 2 .  ? 4.446   -7.104  -3.250  1.000 46.630 0 182 HOH A O     1 
HETATM 418 O O     . HOH B 2 .  ? 2.752   -9.786  -5.840  1.000 36.178 0 183 HOH A O     1 
HETATM 419 O O     . HOH B 2 .  ? -1.068  4.648   -1.936  1.000 44.635 0 184 HOH A O     1 
# 
